data_8IY5
#
_entry.id   8IY5
#
_cell.length_a   1.00
_cell.length_b   1.00
_cell.length_c   1.00
_cell.angle_alpha   90.00
_cell.angle_beta   90.00
_cell.angle_gamma   90.00
#
_symmetry.space_group_name_H-M   'P 1'
#
loop_
_entity.id
_entity.type
_entity.pdbx_description
1 polymer 'Guanine nucleotide-binding protein G(i) subunit alpha-1'
2 polymer 'Guanine nucleotide-binding protein G(I)/G(S)/G(T) subunit beta-1'
3 polymer 'Guanine nucleotide-binding protein G(I)/G(S)/G(O) subunit gamma-2'
4 polymer scFv16
5 polymer 'Endothelin type B receptor'
6 polymer Endothelin-1
#
loop_
_entity_poly.entity_id
_entity_poly.type
_entity_poly.pdbx_seq_one_letter_code
_entity_poly.pdbx_strand_id
1 'polypeptide(L)'
;MGCTLSAEDKAAVERSKMIDRNLREDGEKAAREVKLLLLGAGESGKSTIVKQMKIIHEAGYSEEECKQYKAVVYSNTIQS
IIAIIRAMGRLKIDFGDSARADDARQLFVLAGAAEEGFMTAELAGVIKRLWKDSGVQACFNRSREYQLNDSAAYYLNDLD
RIAQPNYIPTQQDVLRTRVKTTGIVETHFTFKDLHFKMFDVGGQRSERKKWIHCFEGVTAIIFCVALSDYDLVLAEDEEM
NRMHESMKLFDSICNNKWFTDTSIILFLNKKDLFEEKIKKSPLTICYPEYAGSNTYEEAAAYIQCQFEDLNKRKDTKEIY
THFTCATDTKNVQFVFDAVTDVIIKNNLKDCGLF
;
A
2 'polypeptide(L)'
;GSQLQSELDQLRQEAEQLKNQIRDARKACADATLSQITNNIDPVGRIQMRTRRTLRGHLAKIYAMHWGTDSRLLVSASQD
GKLIIWDSYTTNKVHAIPLRSSWVMTCAYAPSGNYVACGGLDNICSIYNLKTREGNVRVSRELAGHTGYLSCCRFLDDNQ
IVTSSGDTTCALWDIETGQQTTTFTGHTGDVMSLSLAPDTRLFVSGACDASAKLWDVREGMCRQTFTGHESDINAICFFP
NGNAFATGSDDATCRLFDLRADQELMTYSHDNIICGITSVSFSKSGRLLLAGYDDFNCNVWDALKADRAGVLAGHDNRVS
CLGVTDDGMAVATGSWDSFLKIWNGASGGGSGGNSGSSGGSSGVSGWRLFKKIS
;
B
3 'polypeptide(L)' MASNNTASIAQARKLVEQLKMEANIDRIKVSKAAADLMAYCEAHAKEDPLLTPVPASENPFREKKFFC C
4 'polypeptide(L)'
;DVQLVESGGGLVQPGGSRKLSCSASGFAFSSFGMHWVRQAPEKGLEWVAYISSGSGTIYYADTVKGRFTISRDDPKNTLF
LQMTSLRSEDTAMYYCVRSIYYYGSSPFDFWGQGTTLTVSSGGGGSGGGGSGGGGSDIVMTQATSSVPVTPGESVSISCR
SSKSLLHSNGNTYLYWFLQRPGQSPQLLIYRMSNLASGVPDRFSGSGSGTAFTLTISRLEAEDVGVYYCMQHLEYPLTFG
AGTKLELKAAAASSEDLYFQ
;
E
5 'polypeptide(L)'
;EERGFPPDRATPLLQTAEIMTPPTKTLWPKGDYKDDDDKLAPAEVPKGDRTAGSPPRTISPPPCQGPIEIKETFKYINTV
VSCLVFVLGIIGNSTLLRIIYKNKCMRNGPNILIASLALGDLLHIVIDIPINVYKLLAEDWPFGAEMCKLVPFIQKASVG
ITVLSLCALSIDRYRAVASWSRIKGIGVPKWTAVEIVLIWVVSVVLAVPEAIGFDIITMDYKGSYLRICLLHPVQKTAFM
QFYKTAKDWWLFSFYFCLPLAITAFFYTLMTCEMLRKKSGMQIALNDHLKQRREVAKTVFCLVLVFALCWLPLHLSRILK
LTLYNQNDPNRCELLSFLLVLDYIGINMASLNSCINPIALYLVSKRFKNCFKSCLCCWCQSFEEKQSLEEKQSCLKFKAN
DHGYDNFRSSNKYSSSGSGGGGSGGSSSGGVFTLEDFVGDWEQTAAYNLDQVLEQGGVSSLLQNLAVSVTPIQRIVRSGE
NALKIDIHVIIPYEGLSADQMAQIEEVFKVVYPVDDHHFKVILPYGTLVIDGVTPNMLNYFGRPYEGIAVFDGKKITVTG
TLWNGNKIIDERLITPDGSMLFRVTINSGGSGGGGSGGSSSGGLEVLFQ
;
R
6 'polypeptide(L)' CSCSSLMDKECVYFCHLDIIW L
#
# COMPACT_ATOMS: atom_id res chain seq x y z
N CYS A 3 -18.29 -13.03 18.45
CA CYS A 3 -16.86 -13.15 18.73
C CYS A 3 -16.55 -12.73 20.17
N THR A 4 -15.28 -12.40 20.42
CA THR A 4 -14.83 -11.98 21.74
C THR A 4 -14.92 -10.46 21.91
N LEU A 5 -15.28 -9.75 20.85
CA LEU A 5 -15.33 -8.30 20.86
C LEU A 5 -16.53 -7.82 21.68
N SER A 6 -16.33 -6.70 22.37
CA SER A 6 -17.40 -6.05 23.11
C SER A 6 -18.30 -5.28 22.13
N ALA A 7 -19.49 -4.91 22.61
CA ALA A 7 -20.47 -4.26 21.75
C ALA A 7 -19.96 -2.95 21.15
N GLU A 8 -18.98 -2.30 21.79
CA GLU A 8 -18.40 -1.08 21.28
C GLU A 8 -17.22 -1.32 20.33
N ASP A 9 -16.42 -2.35 20.58
CA ASP A 9 -15.33 -2.67 19.68
C ASP A 9 -15.83 -3.21 18.35
N LYS A 10 -17.01 -3.84 18.34
CA LYS A 10 -17.59 -4.27 17.07
C LYS A 10 -17.92 -3.07 16.18
N ALA A 11 -18.48 -2.01 16.77
CA ALA A 11 -18.76 -0.81 15.99
C ALA A 11 -17.48 -0.09 15.58
N ALA A 12 -16.44 -0.15 16.42
CA ALA A 12 -15.14 0.39 16.02
C ALA A 12 -14.57 -0.37 14.82
N VAL A 13 -14.66 -1.70 14.84
CA VAL A 13 -14.21 -2.50 13.70
C VAL A 13 -15.03 -2.17 12.46
N GLU A 14 -16.34 -1.95 12.64
CA GLU A 14 -17.18 -1.59 11.50
C GLU A 14 -16.77 -0.25 10.92
N ARG A 15 -16.47 0.73 11.78
CA ARG A 15 -15.98 2.02 11.31
C ARG A 15 -14.66 1.87 10.58
N SER A 16 -13.75 1.03 11.09
CA SER A 16 -12.46 0.82 10.45
C SER A 16 -12.64 0.15 9.09
N LYS A 17 -13.57 -0.79 8.97
CA LYS A 17 -13.84 -1.42 7.67
C LYS A 17 -14.47 -0.44 6.70
N MET A 18 -15.35 0.45 7.17
CA MET A 18 -15.87 1.48 6.28
C MET A 18 -14.77 2.43 5.81
N ILE A 19 -13.83 2.76 6.70
CA ILE A 19 -12.69 3.59 6.32
C ILE A 19 -11.83 2.86 5.29
N ASP A 20 -11.63 1.55 5.49
CA ASP A 20 -10.94 0.75 4.48
C ASP A 20 -11.64 0.82 3.14
N ARG A 21 -12.97 0.70 3.13
CA ARG A 21 -13.74 0.76 1.90
C ARG A 21 -13.55 2.10 1.21
N ASN A 22 -13.63 3.20 1.96
CA ASN A 22 -13.41 4.52 1.38
C ASN A 22 -11.99 4.67 0.85
N LEU A 23 -11.00 4.15 1.58
CA LEU A 23 -9.61 4.25 1.16
C LEU A 23 -9.38 3.54 -0.17
N ARG A 24 -9.87 2.31 -0.30
CA ARG A 24 -9.71 1.62 -1.58
C ARG A 24 -10.54 2.27 -2.69
N GLU A 25 -11.72 2.80 -2.36
CA GLU A 25 -12.53 3.48 -3.36
C GLU A 25 -11.85 4.72 -3.92
N ASP A 26 -11.22 5.53 -3.06
CA ASP A 26 -10.48 6.69 -3.54
C ASP A 26 -9.14 6.33 -4.17
N GLY A 27 -8.50 5.24 -3.72
CA GLY A 27 -7.29 4.80 -4.37
C GLY A 27 -7.51 4.24 -5.76
N GLU A 28 -8.71 3.72 -6.01
CA GLU A 28 -9.05 3.30 -7.38
C GLU A 28 -9.02 4.49 -8.32
N LYS A 29 -9.52 5.64 -7.87
CA LYS A 29 -9.45 6.85 -8.68
C LYS A 29 -8.04 7.43 -8.71
N ALA A 30 -7.31 7.33 -7.60
CA ALA A 30 -5.95 7.83 -7.54
C ALA A 30 -4.99 7.07 -8.45
N ALA A 31 -5.19 5.77 -8.62
CA ALA A 31 -4.37 4.97 -9.52
C ALA A 31 -4.81 5.09 -10.97
N ARG A 32 -5.92 5.78 -11.24
CA ARG A 32 -6.43 5.98 -12.59
C ARG A 32 -6.11 7.40 -13.08
N GLU A 33 -5.17 8.06 -12.41
CA GLU A 33 -4.78 9.42 -12.75
C GLU A 33 -3.33 9.44 -13.22
N VAL A 34 -3.07 10.22 -14.26
CA VAL A 34 -1.76 10.28 -14.89
C VAL A 34 -0.95 11.37 -14.20
N LYS A 35 0.18 10.99 -13.61
CA LYS A 35 1.06 11.92 -12.91
C LYS A 35 2.22 12.30 -13.83
N LEU A 36 2.28 13.58 -14.19
CA LEU A 36 3.31 14.11 -15.07
C LEU A 36 4.19 15.08 -14.29
N LEU A 37 5.50 14.86 -14.33
CA LEU A 37 6.42 15.83 -13.75
C LEU A 37 6.79 16.86 -14.81
N LEU A 38 6.94 18.11 -14.37
CA LEU A 38 7.31 19.21 -15.26
C LEU A 38 8.66 19.75 -14.80
N LEU A 39 9.61 19.81 -15.73
CA LEU A 39 10.97 20.22 -15.41
C LEU A 39 11.50 21.12 -16.52
N GLY A 40 12.51 21.90 -16.19
CA GLY A 40 13.11 22.80 -17.16
C GLY A 40 14.20 23.62 -16.55
N ALA A 41 15.04 24.17 -17.43
CA ALA A 41 16.15 25.00 -17.01
C ALA A 41 15.67 26.43 -16.73
N GLY A 42 16.56 27.24 -16.19
CA GLY A 42 16.23 28.64 -15.92
C GLY A 42 15.92 29.37 -17.21
N GLU A 43 14.84 30.16 -17.20
CA GLU A 43 14.42 30.96 -18.36
C GLU A 43 14.22 30.10 -19.60
N SER A 44 13.63 28.92 -19.40
CA SER A 44 13.31 28.01 -20.50
C SER A 44 11.88 28.11 -20.97
N GLY A 45 10.96 28.49 -20.09
CA GLY A 45 9.57 28.66 -20.45
C GLY A 45 8.68 27.53 -19.95
N LYS A 46 7.99 27.77 -18.84
CA LYS A 46 7.00 26.84 -18.31
C LYS A 46 5.65 27.51 -18.11
N SER A 47 5.58 28.83 -18.15
CA SER A 47 4.33 29.57 -18.02
C SER A 47 3.63 29.78 -19.36
N THR A 48 4.04 29.04 -20.39
CA THR A 48 3.39 29.11 -21.70
C THR A 48 2.77 27.80 -22.15
N ILE A 49 3.16 26.66 -21.57
CA ILE A 49 2.54 25.39 -21.89
C ILE A 49 1.47 25.01 -20.87
N VAL A 50 1.68 25.31 -19.58
CA VAL A 50 0.65 25.08 -18.58
C VAL A 50 -0.61 25.90 -18.83
N LYS A 51 -0.49 27.04 -19.50
CA LYS A 51 -1.67 27.80 -19.90
C LYS A 51 -2.43 27.12 -21.04
N GLN A 52 -1.71 26.40 -21.90
CA GLN A 52 -2.36 25.68 -22.99
C GLN A 52 -3.19 24.50 -22.49
N MET A 53 -2.91 24.01 -21.28
CA MET A 53 -3.68 22.93 -20.69
C MET A 53 -5.12 23.38 -20.44
N LYS A 54 -6.03 22.42 -20.49
CA LYS A 54 -7.46 22.71 -20.39
C LYS A 54 -7.80 23.06 -18.95
N ILE A 55 -7.74 24.35 -18.63
CA ILE A 55 -8.05 24.83 -17.29
C ILE A 55 -9.39 25.55 -17.29
N THR A 182 5.05 30.49 -2.71
CA THR A 182 4.42 29.19 -2.90
C THR A 182 5.46 28.12 -3.25
N GLY A 183 5.11 26.86 -3.00
CA GLY A 183 6.00 25.75 -3.28
C GLY A 183 5.67 25.02 -4.56
N ILE A 184 5.17 23.78 -4.43
CA ILE A 184 4.77 23.02 -5.61
C ILE A 184 3.49 23.59 -6.18
N VAL A 185 3.38 23.60 -7.50
CA VAL A 185 2.21 24.07 -8.21
C VAL A 185 1.59 22.87 -8.91
N GLU A 186 0.35 22.56 -8.59
CA GLU A 186 -0.35 21.43 -9.16
C GLU A 186 -1.39 21.91 -10.17
N THR A 187 -1.38 21.30 -11.35
CA THR A 187 -2.35 21.59 -12.39
C THR A 187 -3.13 20.33 -12.70
N HIS A 188 -4.45 20.41 -12.61
CA HIS A 188 -5.32 19.27 -12.86
C HIS A 188 -6.14 19.52 -14.11
N PHE A 189 -6.19 18.51 -14.99
CA PHE A 189 -7.08 18.64 -16.14
C PHE A 189 -7.44 17.27 -16.69
N THR A 190 -8.66 17.13 -17.20
CA THR A 190 -9.13 15.89 -17.78
C THR A 190 -9.05 16.00 -19.31
N PHE A 191 -8.30 15.10 -19.93
CA PHE A 191 -8.16 15.04 -21.38
C PHE A 191 -8.52 13.64 -21.85
N LYS A 192 -9.54 13.54 -22.70
CA LYS A 192 -9.96 12.28 -23.30
C LYS A 192 -10.14 11.18 -22.26
N ASP A 193 -10.90 11.53 -21.21
CA ASP A 193 -11.24 10.65 -20.08
C ASP A 193 -10.02 10.23 -19.27
N LEU A 194 -8.90 10.93 -19.38
CA LEU A 194 -7.73 10.68 -18.55
C LEU A 194 -7.48 11.89 -17.67
N HIS A 195 -7.34 11.66 -16.37
CA HIS A 195 -7.14 12.74 -15.40
C HIS A 195 -5.64 12.95 -15.23
N PHE A 196 -5.14 14.06 -15.76
CA PHE A 196 -3.73 14.41 -15.70
C PHE A 196 -3.49 15.36 -14.55
N LYS A 197 -2.49 15.04 -13.72
CA LYS A 197 -1.95 15.93 -12.71
C LYS A 197 -0.52 16.28 -13.10
N MET A 198 -0.23 17.58 -13.24
CA MET A 198 1.09 18.06 -13.61
C MET A 198 1.66 18.85 -12.45
N PHE A 199 2.91 18.57 -12.10
CA PHE A 199 3.55 19.18 -10.94
C PHE A 199 4.71 20.04 -11.41
N ASP A 200 4.65 21.33 -11.10
CA ASP A 200 5.56 22.32 -11.68
C ASP A 200 6.84 22.44 -10.86
N VAL A 201 7.83 23.09 -11.48
CA VAL A 201 9.16 23.24 -10.89
C VAL A 201 9.50 24.69 -10.56
N GLY A 202 8.76 25.65 -11.11
CA GLY A 202 9.12 27.05 -10.98
C GLY A 202 8.77 27.66 -9.63
N GLY A 203 8.29 26.84 -8.71
CA GLY A 203 7.98 27.33 -7.37
C GLY A 203 9.11 27.09 -6.39
N GLN A 204 10.09 26.29 -6.78
CA GLN A 204 11.23 26.01 -5.93
C GLN A 204 12.40 26.92 -6.28
N ARG A 205 13.29 27.10 -5.30
CA ARG A 205 14.46 27.95 -5.49
C ARG A 205 15.73 27.16 -5.19
N SER A 206 15.61 26.14 -4.34
CA SER A 206 16.75 25.29 -4.02
C SER A 206 16.86 24.17 -5.04
N GLU A 207 18.04 24.03 -5.65
CA GLU A 207 18.27 23.04 -6.70
C GLU A 207 19.08 21.85 -6.18
N ARG A 208 18.87 21.46 -4.93
CA ARG A 208 19.59 20.33 -4.35
C ARG A 208 19.05 18.98 -4.79
N LYS A 209 17.86 18.96 -5.40
CA LYS A 209 17.25 17.73 -5.90
C LYS A 209 17.06 16.70 -4.79
N LYS A 210 16.50 17.14 -3.67
CA LYS A 210 16.09 16.25 -2.59
C LYS A 210 14.63 15.85 -2.71
N TRP A 211 13.88 16.42 -3.65
CA TRP A 211 12.48 16.15 -3.84
C TRP A 211 12.19 15.39 -5.15
N ILE A 212 13.23 15.04 -5.90
CA ILE A 212 13.02 14.30 -7.14
C ILE A 212 12.58 12.87 -6.85
N HIS A 213 13.14 12.23 -5.82
CA HIS A 213 12.76 10.86 -5.49
C HIS A 213 11.30 10.76 -5.08
N CYS A 214 10.67 11.88 -4.74
CA CYS A 214 9.22 11.89 -4.51
C CYS A 214 8.44 11.71 -5.80
N PHE A 215 9.09 11.86 -6.94
CA PHE A 215 8.44 11.76 -8.25
C PHE A 215 8.76 10.43 -8.93
N GLU A 216 9.07 9.42 -8.15
CA GLU A 216 9.23 8.07 -8.68
C GLU A 216 7.86 7.45 -8.95
N GLY A 217 7.76 6.77 -10.09
CA GLY A 217 6.50 6.20 -10.50
C GLY A 217 5.58 7.14 -11.24
N VAL A 218 6.03 8.36 -11.55
CA VAL A 218 5.25 9.24 -12.40
C VAL A 218 5.22 8.66 -13.81
N THR A 219 4.19 9.03 -14.56
CA THR A 219 4.03 8.50 -15.92
C THR A 219 5.13 9.01 -16.84
N ALA A 220 5.44 10.31 -16.80
CA ALA A 220 6.38 10.89 -17.73
C ALA A 220 6.91 12.20 -17.18
N ILE A 221 7.99 12.69 -17.80
CA ILE A 221 8.61 13.96 -17.47
C ILE A 221 8.52 14.84 -18.72
N ILE A 222 7.75 15.92 -18.64
CA ILE A 222 7.80 16.98 -19.64
C ILE A 222 8.95 17.91 -19.26
N PHE A 223 10.07 17.82 -19.99
CA PHE A 223 11.18 18.74 -19.78
C PHE A 223 11.16 19.79 -20.89
N CYS A 224 11.41 21.04 -20.50
CA CYS A 224 11.27 22.17 -21.41
C CYS A 224 12.60 22.90 -21.50
N VAL A 225 13.12 23.02 -22.73
CA VAL A 225 14.26 23.86 -23.03
C VAL A 225 14.00 24.48 -24.40
N ALA A 226 14.45 25.72 -24.59
CA ALA A 226 14.19 26.44 -25.82
C ALA A 226 15.47 26.54 -26.65
N LEU A 227 15.29 26.73 -27.96
CA LEU A 227 16.40 26.99 -28.86
C LEU A 227 17.08 28.32 -28.57
N SER A 228 16.36 29.27 -27.97
CA SER A 228 16.91 30.56 -27.58
C SER A 228 17.56 30.53 -26.20
N ASP A 229 18.00 29.36 -25.74
CA ASP A 229 18.52 29.24 -24.38
C ASP A 229 19.93 29.81 -24.23
N TYR A 230 20.68 29.96 -25.32
CA TYR A 230 22.02 30.53 -25.26
C TYR A 230 22.01 32.05 -25.42
N ASP A 231 20.88 32.69 -25.15
CA ASP A 231 20.77 34.14 -25.16
C ASP A 231 20.98 34.76 -23.79
N LEU A 232 20.58 34.07 -22.73
CA LEU A 232 20.74 34.59 -21.38
C LEU A 232 22.19 34.56 -20.92
N VAL A 233 23.04 33.78 -21.59
CA VAL A 233 24.46 33.59 -21.27
C VAL A 233 24.76 33.66 -19.76
N ASN A 241 25.40 30.62 -22.56
CA ASN A 241 25.75 29.28 -23.01
C ASN A 241 24.59 28.31 -22.79
N ARG A 242 24.33 27.47 -23.78
CA ARG A 242 23.23 26.52 -23.71
C ARG A 242 23.67 25.10 -23.39
N MET A 243 24.96 24.79 -23.59
CA MET A 243 25.43 23.43 -23.34
C MET A 243 25.41 23.09 -21.85
N HIS A 244 26.15 23.86 -21.05
CA HIS A 244 26.54 23.38 -19.73
C HIS A 244 25.32 23.11 -18.85
N GLU A 245 24.59 24.14 -18.46
CA GLU A 245 23.55 23.95 -17.44
C GLU A 245 22.42 23.07 -17.94
N SER A 246 21.94 23.30 -19.16
CA SER A 246 20.83 22.50 -19.68
C SER A 246 21.24 21.04 -19.85
N MET A 247 22.39 20.78 -20.49
CA MET A 247 22.79 19.40 -20.73
C MET A 247 23.18 18.67 -19.44
N LYS A 248 23.72 19.36 -18.44
CA LYS A 248 23.88 18.73 -17.14
C LYS A 248 22.55 18.42 -16.49
N LEU A 249 21.53 19.27 -16.66
CA LEU A 249 20.21 18.90 -16.16
C LEU A 249 19.68 17.66 -16.86
N PHE A 250 19.85 17.58 -18.19
CA PHE A 250 19.42 16.38 -18.92
C PHE A 250 20.14 15.15 -18.41
N ASP A 251 21.48 15.22 -18.31
CA ASP A 251 22.24 14.08 -17.85
C ASP A 251 21.92 13.72 -16.41
N SER A 252 21.54 14.70 -15.59
CA SER A 252 21.09 14.39 -14.24
C SER A 252 19.78 13.62 -14.25
N ILE A 253 18.81 14.06 -15.07
CA ILE A 253 17.56 13.30 -15.15
C ILE A 253 17.73 12.04 -15.99
N CYS A 254 18.82 11.93 -16.74
CA CYS A 254 19.14 10.71 -17.47
C CYS A 254 20.12 9.81 -16.71
N ASN A 255 20.57 10.23 -15.53
CA ASN A 255 21.44 9.42 -14.69
C ASN A 255 20.76 8.99 -13.39
N ASN A 256 19.72 9.70 -12.98
CA ASN A 256 19.01 9.36 -11.76
C ASN A 256 18.48 7.94 -11.84
N LYS A 257 18.71 7.17 -10.76
CA LYS A 257 18.23 5.80 -10.71
C LYS A 257 16.71 5.73 -10.78
N TRP A 258 16.03 6.71 -10.19
CA TRP A 258 14.57 6.67 -10.13
C TRP A 258 13.94 7.01 -11.48
N PHE A 259 14.60 7.85 -12.28
CA PHE A 259 13.97 8.37 -13.48
C PHE A 259 14.41 7.65 -14.75
N THR A 260 15.44 6.80 -14.67
CA THR A 260 15.97 6.13 -15.86
C THR A 260 14.98 5.14 -16.48
N ASP A 261 13.99 4.68 -15.71
CA ASP A 261 12.95 3.81 -16.24
C ASP A 261 11.69 4.58 -16.63
N THR A 262 11.68 5.90 -16.48
CA THR A 262 10.53 6.73 -16.82
C THR A 262 10.83 7.53 -18.08
N SER A 263 9.88 7.50 -19.02
CA SER A 263 10.04 8.23 -20.27
C SER A 263 10.09 9.73 -20.02
N ILE A 264 10.77 10.44 -20.92
CA ILE A 264 10.94 11.88 -20.82
C ILE A 264 10.40 12.49 -22.10
N ILE A 265 9.57 13.53 -21.98
CA ILE A 265 9.02 14.22 -23.13
C ILE A 265 9.78 15.53 -23.33
N LEU A 266 10.15 15.81 -24.59
CA LEU A 266 10.91 17.01 -24.93
C LEU A 266 10.08 17.90 -25.84
N PHE A 267 10.09 19.20 -25.54
CA PHE A 267 9.28 20.17 -26.27
C PHE A 267 10.12 21.30 -26.81
N LEU A 268 9.84 21.70 -28.05
CA LEU A 268 10.28 22.98 -28.62
C LEU A 268 9.04 23.53 -29.33
N ASN A 269 8.33 24.43 -28.64
CA ASN A 269 6.94 24.74 -28.98
C ASN A 269 6.80 25.93 -29.93
N LYS A 270 7.31 27.09 -29.53
CA LYS A 270 7.05 28.32 -30.29
C LYS A 270 7.77 28.29 -31.63
N LYS A 271 7.30 29.14 -32.55
CA LYS A 271 7.95 29.31 -33.84
C LYS A 271 8.02 30.80 -34.19
N ASP A 272 8.26 31.63 -33.17
CA ASP A 272 8.37 33.07 -33.37
C ASP A 272 9.79 33.60 -33.26
N LEU A 273 10.67 32.91 -32.55
CA LEU A 273 12.06 33.35 -32.42
C LEU A 273 13.05 32.23 -32.69
N PHE A 274 12.60 31.02 -33.01
CA PHE A 274 13.53 29.91 -33.22
C PHE A 274 14.24 30.00 -34.56
N GLU A 275 13.81 30.91 -35.45
CA GLU A 275 14.44 31.05 -36.76
C GLU A 275 15.27 32.32 -36.89
N GLU A 276 14.94 33.37 -36.16
CA GLU A 276 15.57 34.68 -36.35
C GLU A 276 16.88 34.83 -35.60
N LYS A 277 17.28 33.86 -34.77
CA LYS A 277 18.55 33.92 -34.07
C LYS A 277 19.51 32.81 -34.46
N ILE A 278 19.11 31.89 -35.33
CA ILE A 278 20.06 30.93 -35.88
C ILE A 278 21.00 31.62 -36.85
N LYS A 279 20.48 32.56 -37.64
CA LYS A 279 21.25 33.23 -38.69
C LYS A 279 21.99 34.45 -38.16
N LYS A 280 22.12 34.58 -36.84
CA LYS A 280 22.80 35.75 -36.30
C LYS A 280 24.30 35.73 -36.58
N SER A 281 24.93 34.57 -36.41
CA SER A 281 26.38 34.40 -36.50
C SER A 281 26.72 32.93 -36.39
N PRO A 282 27.86 32.48 -36.90
CA PRO A 282 28.27 31.09 -36.69
C PRO A 282 28.36 30.77 -35.20
N LEU A 283 27.94 29.57 -34.85
CA LEU A 283 27.80 29.15 -33.47
C LEU A 283 29.13 28.88 -32.77
N THR A 284 30.26 29.22 -33.39
CA THR A 284 31.56 29.00 -32.78
C THR A 284 31.75 29.77 -31.48
N ILE A 285 30.92 30.79 -31.24
CA ILE A 285 31.04 31.56 -30.00
C ILE A 285 30.75 30.69 -28.79
N CYS A 286 29.74 29.81 -28.88
CA CYS A 286 29.40 28.94 -27.77
C CYS A 286 29.08 27.50 -28.16
N TYR A 287 29.08 27.17 -29.45
CA TYR A 287 28.75 25.82 -29.93
C TYR A 287 29.83 25.39 -30.92
N PRO A 288 31.03 25.05 -30.43
CA PRO A 288 32.11 24.65 -31.34
C PRO A 288 32.06 23.20 -31.78
N GLU A 289 31.05 22.43 -31.35
CA GLU A 289 30.93 21.04 -31.77
C GLU A 289 30.53 20.90 -33.23
N TYR A 290 29.81 21.87 -33.79
CA TYR A 290 29.34 21.82 -35.16
C TYR A 290 29.78 23.08 -35.90
N ALA A 291 30.34 22.89 -37.09
CA ALA A 291 30.82 24.00 -37.92
C ALA A 291 30.45 23.78 -39.37
N GLY A 292 29.21 23.35 -39.62
CA GLY A 292 28.76 23.10 -40.98
C GLY A 292 27.62 23.99 -41.42
N SER A 293 26.92 23.57 -42.46
CA SER A 293 25.77 24.32 -42.97
C SER A 293 24.68 24.39 -41.90
N ASN A 294 23.98 25.53 -41.84
CA ASN A 294 23.02 25.79 -40.78
C ASN A 294 21.77 26.45 -41.35
N THR A 295 20.74 25.66 -41.59
CA THR A 295 19.39 26.15 -41.82
C THR A 295 18.57 25.91 -40.56
N TYR A 296 17.28 26.25 -40.60
CA TYR A 296 16.43 26.04 -39.42
C TYR A 296 16.19 24.55 -39.17
N GLU A 297 15.81 23.81 -40.21
CA GLU A 297 15.57 22.38 -40.05
C GLU A 297 16.83 21.61 -39.71
N GLU A 298 17.96 21.97 -40.33
CA GLU A 298 19.20 21.25 -40.09
C GLU A 298 19.66 21.40 -38.64
N ALA A 299 19.59 22.63 -38.10
CA ALA A 299 19.97 22.84 -36.72
C ALA A 299 19.07 22.10 -35.75
N ALA A 300 17.75 22.11 -36.01
CA ALA A 300 16.83 21.36 -35.15
C ALA A 300 17.13 19.87 -35.18
N ALA A 301 17.37 19.32 -36.37
CA ALA A 301 17.71 17.90 -36.48
C ALA A 301 19.02 17.59 -35.77
N TYR A 302 20.02 18.47 -35.88
CA TYR A 302 21.29 18.23 -35.22
C TYR A 302 21.14 18.29 -33.70
N ILE A 303 20.32 19.21 -33.20
CA ILE A 303 20.10 19.30 -31.76
C ILE A 303 19.36 18.06 -31.26
N GLN A 304 18.39 17.58 -32.05
CA GLN A 304 17.69 16.34 -31.67
C GLN A 304 18.66 15.16 -31.68
N CYS A 305 19.56 15.11 -32.66
CA CYS A 305 20.54 14.02 -32.72
C CYS A 305 21.51 14.06 -31.53
N GLN A 306 22.01 15.24 -31.18
CA GLN A 306 22.88 15.33 -30.00
C GLN A 306 22.13 15.03 -28.71
N PHE A 307 20.83 15.34 -28.65
CA PHE A 307 20.04 14.87 -27.52
C PHE A 307 19.98 13.35 -27.47
N GLU A 308 19.71 12.72 -28.62
CA GLU A 308 19.77 11.26 -28.69
C GLU A 308 21.11 10.73 -28.22
N ASP A 309 22.19 11.45 -28.53
CA ASP A 309 23.51 11.09 -28.01
C ASP A 309 23.60 11.26 -26.49
N LEU A 310 22.89 12.23 -25.94
CA LEU A 310 22.93 12.45 -24.48
C LEU A 310 22.35 11.27 -23.71
N ASN A 311 21.31 10.63 -24.25
CA ASN A 311 20.69 9.49 -23.57
C ASN A 311 21.70 8.35 -23.46
N LYS A 312 22.05 8.01 -22.22
CA LYS A 312 23.07 6.98 -22.00
C LYS A 312 22.55 5.57 -22.23
N ARG A 313 21.29 5.30 -21.88
CA ARG A 313 20.75 3.96 -22.02
C ARG A 313 19.37 4.05 -22.64
N LYS A 314 19.24 3.54 -23.87
CA LYS A 314 17.97 3.52 -24.58
C LYS A 314 17.23 2.19 -24.42
N ASP A 315 17.74 1.29 -23.58
CA ASP A 315 17.09 0.00 -23.39
C ASP A 315 15.71 0.13 -22.77
N THR A 316 15.55 1.02 -21.80
CA THR A 316 14.30 1.16 -21.06
C THR A 316 13.57 2.48 -21.34
N LYS A 317 14.26 3.60 -21.16
CA LYS A 317 13.65 4.90 -21.31
C LYS A 317 13.54 5.30 -22.78
N GLU A 318 12.50 6.06 -23.11
CA GLU A 318 12.27 6.52 -24.47
C GLU A 318 12.05 8.02 -24.46
N ILE A 319 12.66 8.70 -25.43
CA ILE A 319 12.56 10.16 -25.55
C ILE A 319 11.52 10.50 -26.61
N TYR A 320 10.68 11.49 -26.30
CA TYR A 320 9.64 11.96 -27.22
C TYR A 320 9.89 13.44 -27.47
N THR A 321 10.67 13.74 -28.51
CA THR A 321 10.89 15.13 -28.89
C THR A 321 9.76 15.62 -29.77
N HIS A 322 9.48 16.92 -29.68
CA HIS A 322 8.37 17.53 -30.40
C HIS A 322 8.83 18.83 -31.03
N PHE A 323 8.56 18.98 -32.34
CA PHE A 323 8.87 20.20 -33.08
C PHE A 323 7.59 20.66 -33.75
N THR A 324 6.89 21.59 -33.12
CA THR A 324 5.58 22.05 -33.58
C THR A 324 5.50 23.57 -33.48
N CYS A 325 4.29 24.09 -33.63
CA CYS A 325 4.01 25.51 -33.44
C CYS A 325 3.11 25.66 -32.22
N ALA A 326 3.53 26.50 -31.27
CA ALA A 326 2.76 26.75 -30.05
C ALA A 326 1.59 27.68 -30.38
N THR A 327 0.62 27.13 -31.09
CA THR A 327 -0.55 27.88 -31.55
C THR A 327 -1.87 27.24 -31.19
N ASP A 328 -1.94 25.92 -31.08
CA ASP A 328 -3.19 25.23 -30.79
C ASP A 328 -2.89 24.15 -29.75
N THR A 329 -3.89 23.32 -29.47
CA THR A 329 -3.74 22.26 -28.45
C THR A 329 -3.06 21.01 -29.00
N LYS A 330 -1.87 21.18 -29.59
CA LYS A 330 -1.13 20.01 -30.08
C LYS A 330 -0.22 19.45 -29.00
N ASN A 331 0.23 20.29 -28.07
CA ASN A 331 1.08 19.81 -26.99
C ASN A 331 0.32 18.83 -26.09
N VAL A 332 -0.95 19.13 -25.82
CA VAL A 332 -1.76 18.25 -24.99
C VAL A 332 -1.98 16.92 -25.70
N GLN A 333 -2.26 16.94 -27.00
CA GLN A 333 -2.42 15.70 -27.73
C GLN A 333 -1.12 14.89 -27.77
N PHE A 334 0.01 15.57 -27.91
CA PHE A 334 1.29 14.87 -27.94
C PHE A 334 1.60 14.22 -26.60
N VAL A 335 1.38 14.94 -25.50
CA VAL A 335 1.65 14.35 -24.19
C VAL A 335 0.65 13.24 -23.90
N PHE A 336 -0.59 13.38 -24.36
CA PHE A 336 -1.58 12.32 -24.20
C PHE A 336 -1.16 11.06 -24.96
N ASP A 337 -0.70 11.21 -26.20
CA ASP A 337 -0.24 10.06 -26.96
C ASP A 337 1.01 9.42 -26.33
N ALA A 338 1.92 10.25 -25.83
CA ALA A 338 3.13 9.69 -25.19
C ALA A 338 2.79 8.91 -23.93
N VAL A 339 1.89 9.45 -23.10
CA VAL A 339 1.50 8.72 -21.90
C VAL A 339 0.69 7.48 -22.26
N THR A 340 -0.14 7.55 -23.30
CA THR A 340 -0.86 6.36 -23.74
C THR A 340 0.11 5.27 -24.16
N ASP A 341 1.12 5.60 -24.95
CA ASP A 341 2.12 4.63 -25.37
C ASP A 341 2.93 4.08 -24.21
N VAL A 342 3.37 4.93 -23.27
CA VAL A 342 4.17 4.41 -22.18
C VAL A 342 3.33 3.54 -21.26
N ILE A 343 2.06 3.88 -21.06
CA ILE A 343 1.18 3.03 -20.25
C ILE A 343 0.91 1.70 -20.94
N ILE A 344 0.74 1.72 -22.26
CA ILE A 344 0.57 0.47 -23.00
C ILE A 344 1.82 -0.40 -22.88
N LYS A 345 3.00 0.23 -22.96
CA LYS A 345 4.24 -0.54 -22.81
C LYS A 345 4.41 -1.08 -21.39
N ASN A 346 4.02 -0.32 -20.37
CA ASN A 346 4.02 -0.88 -19.01
C ASN A 346 3.04 -2.04 -18.90
N ASN A 347 1.88 -1.94 -19.54
CA ASN A 347 0.93 -3.04 -19.54
C ASN A 347 1.53 -4.28 -20.19
N LEU A 348 2.21 -4.09 -21.32
CA LEU A 348 2.83 -5.22 -22.02
C LEU A 348 3.94 -5.85 -21.19
N LYS A 349 4.77 -5.02 -20.55
CA LYS A 349 5.80 -5.57 -19.67
C LYS A 349 5.19 -6.29 -18.48
N ASP A 350 4.07 -5.78 -17.96
CA ASP A 350 3.39 -6.43 -16.85
C ASP A 350 2.83 -7.78 -17.29
N CYS A 351 2.33 -7.86 -18.52
CA CYS A 351 1.86 -9.12 -19.08
C CYS A 351 3.00 -10.01 -19.52
N GLY A 352 4.24 -9.52 -19.50
CA GLY A 352 5.37 -10.31 -19.95
C GLY A 352 5.54 -10.38 -21.43
N LEU A 353 4.91 -9.47 -22.18
CA LEU A 353 4.95 -9.48 -23.63
C LEU A 353 5.95 -8.46 -24.20
N PHE A 354 6.68 -7.77 -23.33
CA PHE A 354 7.62 -6.74 -23.76
C PHE A 354 8.63 -6.42 -22.67
N ASP B 9 42.64 41.68 3.03
CA ASP B 9 41.36 41.58 3.71
C ASP B 9 41.56 41.45 5.22
N GLN B 10 40.58 41.92 5.98
CA GLN B 10 40.62 41.87 7.43
C GLN B 10 39.56 40.95 8.01
N LEU B 11 38.29 41.16 7.64
CA LEU B 11 37.21 40.37 8.21
C LEU B 11 37.31 38.90 7.84
N ARG B 12 37.70 38.59 6.59
CA ARG B 12 37.90 37.20 6.21
C ARG B 12 39.04 36.58 7.01
N GLN B 13 40.13 37.32 7.18
CA GLN B 13 41.23 36.83 8.00
C GLN B 13 40.80 36.62 9.45
N GLU B 14 40.01 37.54 9.98
CA GLU B 14 39.52 37.40 11.35
C GLU B 14 38.65 36.15 11.50
N ALA B 15 37.73 35.93 10.55
CA ALA B 15 36.88 34.74 10.61
C ALA B 15 37.71 33.47 10.51
N GLU B 16 38.67 33.44 9.58
CA GLU B 16 39.50 32.25 9.42
C GLU B 16 40.31 31.95 10.68
N GLN B 17 40.91 32.99 11.29
CA GLN B 17 41.72 32.76 12.47
C GLN B 17 40.86 32.39 13.67
N LEU B 18 39.66 32.97 13.78
CA LEU B 18 38.75 32.55 14.86
C LEU B 18 38.34 31.09 14.70
N LYS B 19 38.03 30.68 13.47
CA LYS B 19 37.69 29.27 13.25
C LYS B 19 38.86 28.36 13.59
N ASN B 20 40.07 28.75 13.15
CA ASN B 20 41.24 27.92 13.42
C ASN B 20 41.54 27.81 14.91
N GLN B 21 41.45 28.93 15.64
CA GLN B 21 41.72 28.88 17.08
C GLN B 21 40.63 28.15 17.86
N ILE B 22 39.36 28.27 17.44
CA ILE B 22 38.31 27.47 18.09
C ILE B 22 38.54 25.99 17.84
N ARG B 23 38.89 25.61 16.61
CA ARG B 23 39.16 24.20 16.32
C ARG B 23 40.38 23.70 17.11
N ASP B 24 41.42 24.52 17.22
CA ASP B 24 42.61 24.12 17.97
C ASP B 24 42.30 23.94 19.45
N ALA B 25 41.54 24.88 20.03
CA ALA B 25 41.15 24.74 21.43
C ALA B 25 40.26 23.53 21.65
N ARG B 26 39.37 23.24 20.69
CA ARG B 26 38.53 22.06 20.78
C ARG B 26 39.35 20.78 20.77
N LYS B 27 40.35 20.71 19.89
CA LYS B 27 41.16 19.50 19.79
C LYS B 27 42.09 19.34 20.99
N ALA B 28 42.76 20.42 21.40
CA ALA B 28 43.78 20.32 22.44
C ALA B 28 43.19 19.91 23.79
N CYS B 29 41.88 20.11 23.97
CA CYS B 29 41.23 19.78 25.24
C CYS B 29 40.41 18.50 25.18
N ALA B 30 40.02 18.05 23.98
CA ALA B 30 39.24 16.82 23.86
C ALA B 30 40.10 15.62 24.24
N ASP B 31 39.57 14.76 25.11
CA ASP B 31 40.36 13.66 25.66
C ASP B 31 40.39 12.45 24.72
N ALA B 32 39.22 11.85 24.47
CA ALA B 32 39.15 10.66 23.64
C ALA B 32 37.71 10.46 23.19
N THR B 33 37.55 9.75 22.08
CA THR B 33 36.23 9.53 21.48
C THR B 33 35.38 8.63 22.37
N LEU B 34 34.08 8.62 22.08
CA LEU B 34 33.14 7.84 22.88
C LEU B 34 33.49 6.37 22.91
N SER B 35 33.90 5.82 21.76
CA SER B 35 34.26 4.40 21.70
C SER B 35 35.43 4.07 22.61
N GLN B 36 36.42 4.96 22.68
CA GLN B 36 37.60 4.68 23.50
C GLN B 36 37.25 4.45 24.96
N ILE B 37 36.20 5.11 25.46
CA ILE B 37 35.79 4.91 26.85
C ILE B 37 34.75 3.80 26.97
N THR B 38 33.83 3.68 26.01
CA THR B 38 32.73 2.73 26.13
C THR B 38 33.05 1.35 25.59
N ASN B 39 34.28 1.12 25.13
CA ASN B 39 34.65 -0.20 24.62
C ASN B 39 34.47 -1.30 25.67
N ASN B 40 34.64 -0.96 26.94
CA ASN B 40 34.50 -1.94 28.00
C ASN B 40 33.06 -2.37 28.24
N ILE B 41 32.08 -1.67 27.65
CA ILE B 41 30.68 -2.01 27.83
C ILE B 41 30.33 -3.22 27.00
N ASP B 42 29.65 -4.20 27.61
CA ASP B 42 29.26 -5.40 26.90
C ASP B 42 28.20 -5.07 25.85
N PRO B 43 28.19 -5.80 24.73
CA PRO B 43 27.19 -5.55 23.70
C PRO B 43 25.79 -5.96 24.13
N VAL B 44 24.81 -5.80 23.24
CA VAL B 44 23.42 -6.15 23.54
C VAL B 44 22.98 -7.42 22.83
N GLY B 45 23.86 -8.04 22.04
CA GLY B 45 23.48 -9.22 21.29
C GLY B 45 22.84 -8.84 19.98
N ARG B 46 21.85 -9.62 19.56
CA ARG B 46 21.12 -9.39 18.31
C ARG B 46 19.68 -9.03 18.67
N ILE B 47 19.26 -7.82 18.30
CA ILE B 47 17.89 -7.38 18.56
C ILE B 47 16.99 -7.95 17.49
N GLN B 48 16.40 -9.11 17.77
CA GLN B 48 15.51 -9.77 16.83
C GLN B 48 14.09 -9.28 17.09
N MET B 49 13.62 -8.37 16.24
CA MET B 49 12.32 -7.74 16.41
C MET B 49 11.36 -8.22 15.33
N ARG B 50 10.20 -8.71 15.75
CA ARG B 50 9.25 -9.36 14.88
C ARG B 50 8.06 -8.46 14.63
N THR B 51 7.54 -8.51 13.41
CA THR B 51 6.36 -7.72 13.03
C THR B 51 5.14 -8.29 13.75
N ARG B 52 4.64 -7.56 14.75
CA ARG B 52 3.41 -7.95 15.43
C ARG B 52 2.18 -7.47 14.68
N ARG B 53 2.24 -6.28 14.08
CA ARG B 53 1.16 -5.72 13.31
C ARG B 53 1.68 -5.13 12.01
N THR B 54 0.89 -5.29 10.95
CA THR B 54 1.14 -4.67 9.66
C THR B 54 -0.05 -3.81 9.32
N LEU B 55 0.18 -2.51 9.11
CA LEU B 55 -0.91 -1.57 8.85
C LEU B 55 -1.08 -1.43 7.34
N ARG B 56 -2.24 -1.85 6.85
CA ARG B 56 -2.57 -1.80 5.43
C ARG B 56 -3.65 -0.76 5.19
N GLY B 57 -3.57 -0.12 4.03
CA GLY B 57 -4.53 0.91 3.68
C GLY B 57 -3.91 2.08 2.94
N HIS B 58 -2.65 2.37 3.23
CA HIS B 58 -1.93 3.36 2.44
C HIS B 58 -1.61 2.79 1.06
N LEU B 59 -1.98 3.55 0.03
CA LEU B 59 -1.89 3.08 -1.34
C LEU B 59 -0.89 3.88 -2.15
N ALA B 60 0.21 4.29 -1.53
CA ALA B 60 1.24 5.07 -2.20
C ALA B 60 2.48 5.06 -1.32
N LYS B 61 3.46 5.87 -1.69
CA LYS B 61 4.71 5.95 -0.96
C LYS B 61 4.50 6.64 0.38
N ILE B 62 4.97 5.99 1.45
CA ILE B 62 4.78 6.48 2.82
C ILE B 62 6.02 7.26 3.23
N TYR B 63 5.83 8.49 3.66
CA TYR B 63 6.97 9.37 3.92
C TYR B 63 7.14 9.74 5.37
N ALA B 64 6.04 9.90 6.12
CA ALA B 64 6.13 10.39 7.48
C ALA B 64 5.26 9.53 8.39
N MET B 65 5.64 9.50 9.66
CA MET B 65 4.88 8.81 10.69
C MET B 65 5.36 9.30 12.05
N HIS B 66 4.40 9.50 12.96
CA HIS B 66 4.71 9.95 14.31
C HIS B 66 3.76 9.29 15.30
N TRP B 67 4.33 8.80 16.39
CA TRP B 67 3.56 8.13 17.42
C TRP B 67 2.79 9.15 18.26
N GLY B 68 1.69 8.69 18.85
CA GLY B 68 0.97 9.50 19.81
C GLY B 68 1.64 9.48 21.17
N THR B 69 1.21 10.40 22.02
CA THR B 69 1.78 10.49 23.37
C THR B 69 1.33 9.33 24.26
N ASP B 70 0.23 8.67 23.92
CA ASP B 70 -0.28 7.54 24.69
C ASP B 70 0.27 6.20 24.21
N SER B 71 1.17 6.22 23.22
CA SER B 71 1.85 5.03 22.72
C SER B 71 0.89 4.02 22.09
N ARG B 72 -0.29 4.48 21.68
CA ARG B 72 -1.27 3.58 21.07
C ARG B 72 -1.81 4.15 19.77
N LEU B 73 -1.79 5.47 19.63
CA LEU B 73 -2.31 6.12 18.44
C LEU B 73 -1.17 6.56 17.53
N LEU B 74 -1.38 6.40 16.23
CA LEU B 74 -0.36 6.69 15.24
C LEU B 74 -0.94 7.58 14.14
N VAL B 75 -0.10 8.43 13.57
CA VAL B 75 -0.43 9.16 12.35
C VAL B 75 0.62 8.83 11.30
N SER B 76 0.16 8.61 10.07
CA SER B 76 1.02 8.25 8.97
C SER B 76 0.66 9.06 7.75
N ALA B 77 1.67 9.54 7.03
CA ALA B 77 1.48 10.36 5.84
C ALA B 77 1.97 9.59 4.63
N SER B 78 1.14 9.52 3.59
CA SER B 78 1.50 8.83 2.37
C SER B 78 1.40 9.77 1.18
N GLN B 79 1.91 9.32 0.03
CA GLN B 79 1.95 10.12 -1.18
C GLN B 79 0.56 10.44 -1.74
N ASP B 80 -0.42 9.55 -1.55
CA ASP B 80 -1.75 9.73 -2.13
C ASP B 80 -2.55 10.82 -1.43
N GLY B 81 -1.90 11.63 -0.59
CA GLY B 81 -2.60 12.68 0.13
C GLY B 81 -3.46 12.12 1.25
N LYS B 82 -2.90 11.22 2.04
CA LYS B 82 -3.63 10.59 3.13
C LYS B 82 -2.82 10.61 4.41
N LEU B 83 -3.46 11.08 5.48
CA LEU B 83 -2.90 11.05 6.82
C LEU B 83 -3.82 10.18 7.67
N ILE B 84 -3.38 8.96 7.95
CA ILE B 84 -4.22 7.96 8.62
C ILE B 84 -3.82 7.89 10.08
N ILE B 85 -4.82 7.95 10.97
CA ILE B 85 -4.64 7.76 12.40
C ILE B 85 -5.07 6.35 12.73
N TRP B 86 -4.12 5.56 13.21
CA TRP B 86 -4.28 4.15 13.49
C TRP B 86 -4.35 3.90 15.00
N ASP B 87 -5.16 2.91 15.38
CA ASP B 87 -5.09 2.30 16.70
C ASP B 87 -4.11 1.14 16.59
N SER B 88 -2.96 1.28 17.24
CA SER B 88 -1.85 0.34 17.09
C SER B 88 -2.09 -0.98 17.78
N TYR B 89 -3.13 -1.10 18.60
CA TYR B 89 -3.42 -2.34 19.31
C TYR B 89 -4.29 -3.30 18.51
N THR B 90 -5.26 -2.78 17.76
CA THR B 90 -6.22 -3.59 17.03
C THR B 90 -6.20 -3.33 15.54
N THR B 91 -5.24 -2.56 15.04
CA THR B 91 -5.13 -2.19 13.62
C THR B 91 -6.38 -1.48 13.12
N ASN B 92 -7.11 -0.86 14.05
CA ASN B 92 -8.30 -0.09 13.71
C ASN B 92 -7.91 1.29 13.23
N LYS B 93 -8.43 1.67 12.08
CA LYS B 93 -8.22 3.01 11.54
C LYS B 93 -9.15 3.96 12.28
N VAL B 94 -8.61 4.67 13.27
CA VAL B 94 -9.40 5.65 14.00
C VAL B 94 -9.83 6.77 13.08
N HIS B 95 -8.91 7.27 12.26
CA HIS B 95 -9.22 8.42 11.41
C HIS B 95 -8.51 8.28 10.07
N ALA B 96 -9.08 8.93 9.05
CA ALA B 96 -8.45 9.06 7.74
C ALA B 96 -8.66 10.48 7.27
N ILE B 97 -7.57 11.23 7.13
CA ILE B 97 -7.60 12.65 6.81
C ILE B 97 -7.14 12.82 5.36
N PRO B 98 -8.00 13.29 4.46
CA PRO B 98 -7.54 13.63 3.11
C PRO B 98 -6.80 14.96 3.08
N LEU B 99 -5.48 14.91 2.90
CA LEU B 99 -4.68 16.11 2.93
C LEU B 99 -4.89 16.93 1.66
N ARG B 100 -4.75 18.24 1.79
CA ARG B 100 -4.86 19.14 0.64
C ARG B 100 -3.69 18.95 -0.31
N SER B 101 -2.48 18.81 0.23
CA SER B 101 -1.28 18.60 -0.56
C SER B 101 -0.81 17.16 -0.40
N SER B 102 -0.72 16.45 -1.53
CA SER B 102 -0.33 15.04 -1.52
C SER B 102 1.16 14.84 -1.32
N TRP B 103 1.97 15.89 -1.45
CA TRP B 103 3.42 15.78 -1.33
C TRP B 103 3.86 16.20 0.07
N VAL B 104 3.79 15.23 0.98
CA VAL B 104 4.10 15.43 2.39
C VAL B 104 5.38 14.68 2.72
N MET B 105 6.28 15.33 3.48
CA MET B 105 7.46 14.64 3.98
C MET B 105 7.52 14.54 5.49
N THR B 106 6.61 15.19 6.21
CA THR B 106 6.66 15.15 7.66
C THR B 106 5.27 15.39 8.21
N CYS B 107 5.03 14.82 9.39
CA CYS B 107 3.97 15.26 10.29
C CYS B 107 3.90 14.43 11.56
N ALA B 108 3.41 15.09 12.61
CA ALA B 108 3.60 14.67 13.99
C ALA B 108 2.28 14.67 14.74
N TYR B 109 2.35 14.19 15.97
CA TYR B 109 1.22 14.11 16.88
C TYR B 109 1.38 15.19 17.94
N ALA B 110 0.32 15.96 18.17
CA ALA B 110 0.34 16.94 19.24
C ALA B 110 0.47 16.23 20.59
N PRO B 111 1.23 16.81 21.53
CA PRO B 111 1.43 16.14 22.82
C PRO B 111 0.16 15.95 23.63
N SER B 112 -0.90 16.72 23.34
CA SER B 112 -2.18 16.52 24.00
C SER B 112 -3.13 15.64 23.20
N GLY B 113 -2.75 15.24 21.98
CA GLY B 113 -3.60 14.41 21.16
C GLY B 113 -4.74 15.12 20.47
N ASN B 114 -4.74 16.45 20.46
CA ASN B 114 -5.86 17.20 19.89
C ASN B 114 -5.63 17.55 18.42
N TYR B 115 -4.38 17.71 18.00
CA TYR B 115 -4.05 18.27 16.70
C TYR B 115 -3.01 17.43 15.97
N VAL B 116 -2.98 17.59 14.65
CA VAL B 116 -1.92 17.03 13.81
C VAL B 116 -1.49 18.09 12.80
N ALA B 117 -0.18 18.37 12.76
CA ALA B 117 0.40 19.33 11.84
C ALA B 117 1.22 18.61 10.79
N CYS B 118 0.99 18.92 9.52
CA CYS B 118 1.56 18.07 8.49
C CYS B 118 1.79 18.86 7.21
N GLY B 119 2.87 18.53 6.49
CA GLY B 119 3.24 19.29 5.29
C GLY B 119 4.38 18.75 4.44
N GLY B 120 4.80 19.55 3.46
CA GLY B 120 5.81 19.15 2.50
C GLY B 120 6.11 20.19 1.44
N LEU B 121 6.13 19.79 0.16
CA LEU B 121 6.44 20.70 -0.94
C LEU B 121 5.51 21.91 -1.03
N ASP B 122 4.37 21.90 -0.34
CA ASP B 122 3.45 23.03 -0.35
C ASP B 122 3.99 24.24 0.42
N ASN B 123 5.09 24.06 1.17
CA ASN B 123 5.66 25.09 2.03
C ASN B 123 4.67 25.55 3.10
N ILE B 124 3.63 24.76 3.36
CA ILE B 124 2.57 25.12 4.29
C ILE B 124 2.42 23.98 5.29
N CYS B 125 2.34 24.31 6.57
CA CYS B 125 2.11 23.32 7.61
C CYS B 125 0.63 23.39 7.98
N SER B 126 -0.14 22.40 7.53
CA SER B 126 -1.57 22.40 7.82
C SER B 126 -1.85 21.61 9.10
N ILE B 127 -2.62 22.21 10.00
CA ILE B 127 -2.86 21.66 11.32
C ILE B 127 -4.36 21.41 11.46
N TYR B 128 -4.72 20.16 11.73
CA TYR B 128 -6.08 19.68 11.81
C TYR B 128 -6.42 19.33 13.25
N ASN B 129 -7.67 19.59 13.63
CA ASN B 129 -8.18 19.35 14.98
C ASN B 129 -8.93 18.03 15.00
N LEU B 130 -8.59 17.18 15.98
CA LEU B 130 -9.19 15.85 16.07
C LEU B 130 -10.36 15.80 17.03
N LYS B 131 -10.21 16.37 18.23
CA LYS B 131 -11.24 16.32 19.26
C LYS B 131 -12.20 17.51 19.07
N THR B 132 -13.00 17.43 18.01
CA THR B 132 -13.97 18.46 17.69
C THR B 132 -15.33 18.11 18.27
N ARG B 133 -16.34 18.89 17.89
CA ARG B 133 -17.71 18.68 18.34
C ARG B 133 -18.59 18.04 17.29
N GLU B 134 -18.14 17.95 16.04
CA GLU B 134 -18.95 17.39 14.96
C GLU B 134 -18.56 15.97 14.60
N GLY B 135 -17.57 15.39 15.26
CA GLY B 135 -17.19 14.01 15.03
C GLY B 135 -16.27 13.80 13.85
N ASN B 136 -15.97 14.83 13.08
CA ASN B 136 -15.03 14.75 11.97
C ASN B 136 -13.74 15.46 12.34
N VAL B 137 -12.82 15.54 11.38
CA VAL B 137 -11.55 16.23 11.55
C VAL B 137 -11.54 17.39 10.58
N ARG B 138 -11.36 18.60 11.10
CA ARG B 138 -11.31 19.82 10.29
C ARG B 138 -9.92 20.44 10.35
N VAL B 139 -9.63 21.27 9.37
CA VAL B 139 -8.35 21.98 9.31
C VAL B 139 -8.40 23.14 10.29
N SER B 140 -7.51 23.14 11.27
CA SER B 140 -7.51 24.23 12.25
C SER B 140 -6.78 25.45 11.72
N ARG B 141 -5.48 25.31 11.44
CA ARG B 141 -4.68 26.46 11.01
C ARG B 141 -3.61 26.04 10.01
N GLU B 142 -3.42 26.85 8.96
CA GLU B 142 -2.37 26.61 7.97
C GLU B 142 -1.26 27.65 8.17
N LEU B 143 -0.09 27.18 8.57
CA LEU B 143 1.07 28.06 8.76
C LEU B 143 1.81 28.22 7.45
N ALA B 144 1.97 29.46 7.01
CA ALA B 144 2.68 29.80 5.78
C ALA B 144 3.72 30.87 6.05
N GLY B 145 4.74 30.92 5.21
CA GLY B 145 5.82 31.88 5.39
C GLY B 145 7.18 31.33 5.01
N HIS B 146 7.23 30.07 4.63
CA HIS B 146 8.44 29.45 4.13
C HIS B 146 8.45 29.51 2.61
N THR B 147 9.65 29.61 2.03
CA THR B 147 9.83 29.65 0.59
C THR B 147 10.47 28.38 0.04
N GLY B 148 10.46 27.30 0.83
CA GLY B 148 10.99 26.03 0.39
C GLY B 148 10.24 24.90 1.04
N TYR B 149 10.54 23.68 0.61
CA TYR B 149 9.80 22.51 1.07
C TYR B 149 9.95 22.33 2.57
N LEU B 150 8.93 21.75 3.18
CA LEU B 150 8.76 21.68 4.62
C LEU B 150 9.25 20.35 5.15
N SER B 151 9.65 20.34 6.42
CA SER B 151 10.13 19.12 7.07
C SER B 151 10.04 19.27 8.58
N CYS B 152 9.93 18.12 9.25
CA CYS B 152 9.99 17.96 10.70
C CYS B 152 9.20 19.04 11.44
N CYS B 153 7.89 19.01 11.21
CA CYS B 153 6.98 19.70 12.10
C CYS B 153 6.99 19.01 13.46
N ARG B 154 7.08 19.78 14.53
CA ARG B 154 7.14 19.23 15.88
C ARG B 154 6.45 20.19 16.84
N PHE B 155 5.29 19.79 17.35
CA PHE B 155 4.57 20.62 18.30
C PHE B 155 5.38 20.85 19.56
N LEU B 156 5.38 22.09 20.04
CA LEU B 156 5.82 22.40 21.39
C LEU B 156 4.65 22.34 22.36
N ASP B 157 3.60 23.13 22.09
CA ASP B 157 2.37 23.10 22.85
C ASP B 157 1.21 23.05 21.86
N ASP B 158 -0.01 23.23 22.35
CA ASP B 158 -1.18 23.27 21.49
C ASP B 158 -1.25 24.52 20.65
N ASN B 159 -0.39 25.51 20.91
CA ASN B 159 -0.40 26.76 20.17
C ASN B 159 1.00 27.18 19.72
N GLN B 160 1.92 26.23 19.53
CA GLN B 160 3.32 26.57 19.31
C GLN B 160 4.04 25.37 18.71
N ILE B 161 4.66 25.56 17.54
CA ILE B 161 5.30 24.47 16.81
C ILE B 161 6.46 25.03 15.99
N VAL B 162 7.53 24.23 15.87
CA VAL B 162 8.71 24.56 15.08
C VAL B 162 8.75 23.68 13.84
N THR B 163 9.06 24.29 12.69
CA THR B 163 9.13 23.57 11.42
C THR B 163 10.41 23.94 10.69
N SER B 164 11.05 22.97 10.05
CA SER B 164 12.24 23.20 9.24
C SER B 164 11.86 23.31 7.76
N SER B 165 12.74 23.96 6.99
CA SER B 165 12.49 24.10 5.57
C SER B 165 13.80 24.14 4.81
N GLY B 166 13.69 24.25 3.49
CA GLY B 166 14.84 24.31 2.63
C GLY B 166 15.33 25.72 2.36
N ASP B 167 14.80 26.68 3.12
CA ASP B 167 15.23 28.07 3.04
C ASP B 167 16.48 28.34 3.86
N THR B 168 17.20 27.29 4.25
CA THR B 168 18.36 27.37 5.13
C THR B 168 18.01 27.97 6.49
N THR B 169 16.74 27.89 6.90
CA THR B 169 16.30 28.51 8.14
C THR B 169 15.14 27.71 8.71
N CYS B 170 14.91 27.89 10.01
CA CYS B 170 13.78 27.31 10.71
C CYS B 170 12.91 28.41 11.31
N ALA B 171 11.70 28.03 11.71
CA ALA B 171 10.72 29.01 12.18
C ALA B 171 9.97 28.48 13.39
N LEU B 172 9.74 29.36 14.35
CA LEU B 172 8.88 29.09 15.51
C LEU B 172 7.61 29.91 15.36
N TRP B 173 6.46 29.25 15.48
CA TRP B 173 5.18 29.83 15.12
C TRP B 173 4.32 30.09 16.35
N ASP B 174 3.18 30.75 16.14
CA ASP B 174 2.14 30.90 17.16
C ASP B 174 0.82 30.58 16.49
N ILE B 175 0.20 29.47 16.90
CA ILE B 175 -0.91 28.92 16.11
C ILE B 175 -2.15 29.79 16.16
N GLU B 176 -2.47 30.37 17.31
CA GLU B 176 -3.64 31.23 17.41
C GLU B 176 -3.53 32.42 16.46
N THR B 177 -2.39 33.11 16.48
CA THR B 177 -2.18 34.23 15.58
C THR B 177 -1.87 33.76 14.17
N GLY B 178 -1.07 32.70 14.04
CA GLY B 178 -0.68 32.18 12.75
C GLY B 178 0.54 32.85 12.14
N GLN B 179 1.14 33.81 12.84
CA GLN B 179 2.30 34.54 12.34
C GLN B 179 3.59 33.91 12.83
N GLN B 180 4.65 34.08 12.05
CA GLN B 180 5.96 33.53 12.38
C GLN B 180 6.57 34.29 13.55
N THR B 181 6.52 33.70 14.74
CA THR B 181 7.00 34.38 15.93
C THR B 181 8.51 34.60 15.88
N THR B 182 9.27 33.54 15.59
CA THR B 182 10.73 33.61 15.58
C THR B 182 11.28 32.95 14.34
N THR B 183 12.43 33.43 13.86
CA THR B 183 13.11 32.85 12.71
C THR B 183 14.57 32.60 13.07
N PHE B 184 15.04 31.38 12.82
CA PHE B 184 16.42 30.98 13.09
C PHE B 184 17.13 30.80 11.76
N THR B 185 18.08 31.69 11.46
CA THR B 185 18.84 31.65 10.23
C THR B 185 20.31 31.37 10.53
N GLY B 186 21.03 30.92 9.51
CA GLY B 186 22.45 30.66 9.65
C GLY B 186 22.94 29.47 8.84
N HIS B 187 22.04 28.61 8.39
CA HIS B 187 22.42 27.47 7.56
C HIS B 187 22.70 27.94 6.14
N THR B 188 23.41 27.10 5.40
CA THR B 188 23.80 27.39 4.02
C THR B 188 23.39 26.25 3.09
N GLY B 189 22.25 25.63 3.36
CA GLY B 189 21.78 24.55 2.53
C GLY B 189 20.38 24.14 2.94
N ASP B 190 19.82 23.21 2.18
CA ASP B 190 18.47 22.71 2.45
C ASP B 190 18.44 22.00 3.80
N VAL B 191 17.74 22.58 4.77
CA VAL B 191 17.62 22.00 6.10
C VAL B 191 16.57 20.90 6.03
N MET B 192 16.99 19.65 6.32
CA MET B 192 16.15 18.49 6.06
C MET B 192 15.40 17.99 7.28
N SER B 193 15.90 18.22 8.49
CA SER B 193 15.27 17.64 9.67
C SER B 193 15.54 18.50 10.89
N LEU B 194 14.59 18.49 11.81
CA LEU B 194 14.78 19.03 13.14
C LEU B 194 14.15 18.08 14.15
N SER B 195 14.62 18.16 15.38
CA SER B 195 14.06 17.39 16.49
C SER B 195 13.86 18.35 17.66
N LEU B 196 12.77 18.18 18.40
CA LEU B 196 12.56 18.98 19.59
C LEU B 196 13.17 18.31 20.82
N ALA B 197 13.75 19.12 21.69
CA ALA B 197 14.31 18.60 22.92
C ALA B 197 13.20 18.16 23.87
N PRO B 198 13.50 17.22 24.77
CA PRO B 198 12.48 16.84 25.77
C PRO B 198 12.06 18.00 26.67
N ASP B 199 12.95 18.94 26.94
CA ASP B 199 12.63 20.12 27.75
C ASP B 199 11.91 21.20 26.95
N THR B 200 11.83 21.06 25.63
CA THR B 200 11.09 21.97 24.76
C THR B 200 11.57 23.41 24.88
N ARG B 201 12.88 23.59 25.02
CA ARG B 201 13.49 24.91 25.05
C ARG B 201 14.65 25.07 24.09
N LEU B 202 15.15 23.98 23.51
CA LEU B 202 16.20 24.02 22.51
C LEU B 202 15.83 23.02 21.41
N PHE B 203 16.46 23.16 20.25
CA PHE B 203 16.30 22.13 19.23
C PHE B 203 17.54 22.12 18.34
N VAL B 204 17.59 21.14 17.44
CA VAL B 204 18.70 20.99 16.51
C VAL B 204 18.14 20.83 15.11
N SER B 205 18.93 21.24 14.12
CA SER B 205 18.53 21.11 12.72
C SER B 205 19.75 20.83 11.86
N GLY B 206 19.64 19.82 11.00
CA GLY B 206 20.69 19.46 10.07
C GLY B 206 20.29 19.82 8.65
N ALA B 207 21.25 20.30 7.87
CA ALA B 207 20.98 20.84 6.55
C ALA B 207 21.77 20.07 5.50
N CYS B 208 21.59 20.49 4.24
CA CYS B 208 22.28 19.90 3.11
C CYS B 208 23.72 20.39 2.97
N ASP B 209 24.13 21.36 3.78
CA ASP B 209 25.51 21.84 3.81
C ASP B 209 26.39 20.96 4.69
N ALA B 210 25.96 19.72 4.94
CA ALA B 210 26.71 18.76 5.75
C ALA B 210 26.96 19.28 7.16
N SER B 211 26.05 20.12 7.65
CA SER B 211 26.20 20.72 8.96
C SER B 211 24.87 20.68 9.69
N ALA B 212 24.93 20.40 10.98
CA ALA B 212 23.80 20.56 11.88
C ALA B 212 24.12 21.67 12.86
N LYS B 213 23.09 22.13 13.58
CA LYS B 213 23.33 23.16 14.57
C LYS B 213 22.21 23.22 15.60
N LEU B 214 22.59 23.62 16.81
CA LEU B 214 21.68 23.73 17.95
C LEU B 214 21.23 25.17 18.10
N TRP B 215 19.91 25.36 18.12
CA TRP B 215 19.24 26.65 18.15
C TRP B 215 18.37 26.77 19.39
N ASP B 216 18.29 27.99 19.92
CA ASP B 216 17.48 28.31 21.08
C ASP B 216 16.12 28.83 20.62
N VAL B 217 15.06 28.15 21.05
CA VAL B 217 13.71 28.50 20.59
C VAL B 217 13.18 29.78 21.23
N ARG B 218 13.76 30.22 22.34
CA ARG B 218 13.24 31.39 23.05
C ARG B 218 13.77 32.70 22.47
N GLU B 219 15.09 32.88 22.44
CA GLU B 219 15.68 34.12 21.95
C GLU B 219 16.30 34.00 20.57
N GLY B 220 16.29 32.81 19.96
CA GLY B 220 16.67 32.66 18.58
C GLY B 220 18.12 32.94 18.23
N MET B 221 19.06 32.47 19.04
CA MET B 221 20.48 32.57 18.70
C MET B 221 20.92 31.26 18.05
N CYS B 222 21.97 31.33 17.24
CA CYS B 222 22.67 30.14 16.77
C CYS B 222 23.60 29.69 17.89
N ARG B 223 23.05 28.88 18.80
CA ARG B 223 23.80 28.52 20.00
C ARG B 223 25.05 27.71 19.67
N GLN B 224 24.91 26.69 18.83
CA GLN B 224 26.08 25.88 18.50
C GLN B 224 25.98 25.39 17.06
N THR B 225 27.13 25.04 16.48
CA THR B 225 27.22 24.44 15.17
C THR B 225 28.00 23.13 15.23
N PHE B 226 27.80 22.29 14.21
CA PHE B 226 28.32 20.93 14.21
C PHE B 226 28.57 20.51 12.77
N THR B 227 29.77 20.02 12.48
CA THR B 227 30.12 19.52 11.16
C THR B 227 30.82 18.18 11.29
N GLY B 228 31.11 17.56 10.15
CA GLY B 228 31.80 16.30 10.12
C GLY B 228 31.32 15.35 9.04
N HIS B 229 30.11 15.56 8.53
CA HIS B 229 29.60 14.80 7.41
C HIS B 229 30.19 15.33 6.11
N GLU B 230 30.06 14.53 5.05
CA GLU B 230 30.50 14.94 3.72
C GLU B 230 29.36 15.31 2.79
N SER B 231 28.12 14.93 3.11
CA SER B 231 27.00 15.19 2.21
C SER B 231 25.76 15.61 2.98
N ASP B 232 24.61 15.59 2.30
CA ASP B 232 23.37 16.07 2.89
C ASP B 232 22.97 15.25 4.10
N ILE B 233 22.55 15.94 5.15
CA ILE B 233 22.02 15.30 6.37
C ILE B 233 20.51 15.26 6.25
N ASN B 234 19.94 14.06 6.31
CA ASN B 234 18.52 13.86 6.05
C ASN B 234 17.67 13.70 7.30
N ALA B 235 18.25 13.21 8.39
CA ALA B 235 17.49 12.91 9.60
C ALA B 235 18.29 13.34 10.82
N ILE B 236 17.56 13.66 11.89
CA ILE B 236 18.17 14.12 13.13
C ILE B 236 17.19 13.85 14.26
N CYS B 237 17.73 13.59 15.46
CA CYS B 237 16.91 13.32 16.63
C CYS B 237 17.76 13.39 17.88
N PHE B 238 17.19 13.96 18.94
CA PHE B 238 17.86 14.05 20.23
C PHE B 238 17.97 12.71 20.93
N PHE B 239 19.02 12.60 21.74
CA PHE B 239 19.07 11.63 22.81
C PHE B 239 17.94 11.94 23.79
N PRO B 240 17.32 10.94 24.43
CA PRO B 240 16.12 11.19 25.23
C PRO B 240 16.33 12.15 26.40
N ASN B 241 17.57 12.39 26.80
CA ASN B 241 17.86 13.33 27.87
C ASN B 241 18.15 14.74 27.38
N GLY B 242 18.07 14.98 26.08
CA GLY B 242 18.24 16.31 25.52
C GLY B 242 19.63 16.91 25.67
N ASN B 243 20.65 16.08 25.78
CA ASN B 243 22.03 16.58 25.82
C ASN B 243 22.87 16.09 24.66
N ALA B 244 22.29 15.43 23.67
CA ALA B 244 23.02 14.94 22.52
C ALA B 244 22.03 14.71 21.39
N PHE B 245 22.56 14.43 20.20
CA PHE B 245 21.69 14.12 19.07
C PHE B 245 22.45 13.30 18.05
N ALA B 246 21.71 12.71 17.11
CA ALA B 246 22.26 11.86 16.08
C ALA B 246 21.72 12.30 14.72
N THR B 247 22.59 12.31 13.71
CA THR B 247 22.23 12.64 12.35
C THR B 247 22.51 11.45 11.44
N GLY B 248 21.78 11.39 10.33
CA GLY B 248 22.03 10.41 9.30
C GLY B 248 22.14 11.07 7.94
N SER B 249 23.21 10.80 7.20
CA SER B 249 23.49 11.52 5.97
C SER B 249 23.51 10.58 4.78
N ASP B 250 23.70 11.15 3.59
CA ASP B 250 23.86 10.39 2.35
C ASP B 250 25.21 9.72 2.23
N ASP B 251 26.14 10.04 3.13
CA ASP B 251 27.46 9.41 3.18
C ASP B 251 27.40 7.98 3.71
N ALA B 252 26.20 7.43 3.87
CA ALA B 252 26.01 6.09 4.44
C ALA B 252 26.57 6.02 5.86
N THR B 253 26.48 7.13 6.58
CA THR B 253 27.00 7.25 7.93
C THR B 253 25.98 7.93 8.83
N CYS B 254 25.86 7.42 10.05
CA CYS B 254 25.21 8.15 11.12
C CYS B 254 26.29 8.72 12.04
N ARG B 255 26.03 9.90 12.58
CA ARG B 255 26.98 10.53 13.49
C ARG B 255 26.26 11.04 14.72
N LEU B 256 26.79 10.66 15.88
CA LEU B 256 26.33 11.13 17.17
C LEU B 256 27.18 12.33 17.56
N PHE B 257 26.52 13.48 17.74
CA PHE B 257 27.12 14.70 18.26
C PHE B 257 26.59 14.97 19.66
N ASP B 258 27.34 15.72 20.43
CA ASP B 258 26.98 16.08 21.79
C ASP B 258 26.82 17.59 21.91
N LEU B 259 25.76 18.01 22.62
CA LEU B 259 25.40 19.42 22.67
C LEU B 259 26.32 20.25 23.54
N ARG B 260 27.20 19.62 24.31
CA ARG B 260 28.13 20.33 25.18
C ARG B 260 29.58 20.15 24.77
N ALA B 261 29.90 19.09 24.04
CA ALA B 261 31.25 18.85 23.57
C ALA B 261 31.63 19.74 22.39
N ASP B 262 30.65 20.14 21.57
CA ASP B 262 30.82 21.04 20.43
C ASP B 262 31.43 20.38 19.21
N GLN B 263 31.60 19.06 19.22
CA GLN B 263 31.96 18.33 18.01
C GLN B 263 31.31 16.96 18.01
N GLU B 264 31.66 16.16 17.01
CA GLU B 264 31.14 14.81 16.87
C GLU B 264 31.55 13.94 18.05
N LEU B 265 30.60 13.18 18.58
CA LEU B 265 30.95 12.13 19.53
C LEU B 265 31.51 10.92 18.81
N MET B 266 30.75 10.34 17.88
CA MET B 266 31.21 9.10 17.26
C MET B 266 30.37 8.78 16.03
N THR B 267 30.76 7.71 15.32
CA THR B 267 30.23 7.39 14.00
C THR B 267 29.68 5.96 13.94
N TYR B 268 28.70 5.76 13.06
CA TYR B 268 27.95 4.51 12.95
C TYR B 268 27.95 4.03 11.51
N SER B 269 29.12 4.01 10.89
CA SER B 269 29.26 3.60 9.49
C SER B 269 29.80 2.19 9.38
N HIS B 270 29.54 1.57 8.24
CA HIS B 270 30.05 0.24 7.92
C HIS B 270 30.50 0.19 6.46
N ASP B 271 31.48 -0.68 6.18
CA ASP B 271 32.01 -0.79 4.83
C ASP B 271 30.97 -1.29 3.84
N ASN B 272 30.17 -2.28 4.22
CA ASN B 272 29.15 -2.83 3.33
C ASN B 272 28.04 -1.82 3.06
N ILE B 273 27.83 -0.86 3.95
CA ILE B 273 26.76 0.11 3.79
C ILE B 273 27.17 1.14 2.73
N ILE B 274 26.38 1.24 1.67
CA ILE B 274 26.66 2.16 0.59
C ILE B 274 25.60 3.24 0.46
N CYS B 275 24.36 2.97 0.86
CA CYS B 275 23.26 3.91 0.73
C CYS B 275 23.12 4.74 2.00
N GLY B 276 22.48 5.91 1.86
CA GLY B 276 22.38 6.84 2.95
C GLY B 276 21.26 6.53 3.93
N ILE B 277 21.32 7.19 5.07
CA ILE B 277 20.29 7.08 6.10
C ILE B 277 19.23 8.14 5.86
N THR B 278 17.98 7.72 5.74
CA THR B 278 16.88 8.66 5.55
C THR B 278 16.02 8.85 6.79
N SER B 279 16.09 7.96 7.77
CA SER B 279 15.35 8.16 9.00
C SER B 279 16.20 7.69 10.18
N VAL B 280 16.02 8.35 11.31
CA VAL B 280 16.77 8.00 12.53
C VAL B 280 15.84 8.20 13.72
N SER B 281 16.03 7.37 14.76
CA SER B 281 15.25 7.48 15.98
C SER B 281 16.00 6.76 17.10
N PHE B 282 15.56 7.00 18.32
CA PHE B 282 16.17 6.41 19.51
C PHE B 282 15.12 5.60 20.25
N SER B 283 15.59 4.53 20.90
CA SER B 283 14.74 3.82 21.83
C SER B 283 14.52 4.65 23.08
N LYS B 284 13.60 4.17 23.94
CA LYS B 284 13.24 4.95 25.12
C LYS B 284 14.40 5.16 26.07
N SER B 285 15.31 4.19 26.18
CA SER B 285 16.47 4.30 27.04
C SER B 285 17.64 5.02 26.41
N GLY B 286 17.57 5.30 25.10
CA GLY B 286 18.75 5.82 24.41
C GLY B 286 19.88 4.82 24.31
N ARG B 287 19.57 3.56 24.04
CA ARG B 287 20.57 2.52 23.86
C ARG B 287 20.59 1.94 22.45
N LEU B 288 19.43 1.82 21.81
CA LEU B 288 19.32 1.29 20.46
C LEU B 288 19.03 2.45 19.52
N LEU B 289 20.03 2.83 18.73
CA LEU B 289 19.85 3.86 17.71
C LEU B 289 19.32 3.18 16.45
N LEU B 290 18.06 3.40 16.13
CA LEU B 290 17.49 2.76 14.96
C LEU B 290 17.55 3.71 13.76
N ALA B 291 17.96 3.17 12.62
CA ALA B 291 18.15 3.98 11.43
C ALA B 291 17.47 3.31 10.26
N GLY B 292 16.49 4.00 9.66
CA GLY B 292 15.88 3.54 8.44
C GLY B 292 16.69 3.97 7.24
N TYR B 293 17.22 2.99 6.53
CA TYR B 293 18.22 3.16 5.48
C TYR B 293 17.56 3.21 4.11
N ASP B 294 18.40 3.50 3.12
CA ASP B 294 17.96 3.69 1.74
C ASP B 294 17.83 2.40 0.96
N ASP B 295 18.59 1.35 1.29
CA ASP B 295 18.50 0.14 0.47
C ASP B 295 17.15 -0.55 0.60
N PHE B 296 16.90 -1.26 1.69
CA PHE B 296 15.59 -1.81 1.97
C PHE B 296 15.28 -1.87 3.46
N ASN B 297 16.31 -1.75 4.30
CA ASN B 297 16.25 -2.27 5.66
C ASN B 297 16.32 -1.14 6.70
N CYS B 298 16.11 -1.54 7.95
CA CYS B 298 16.32 -0.70 9.12
C CYS B 298 17.37 -1.36 10.00
N ASN B 299 18.41 -0.62 10.34
CA ASN B 299 19.51 -1.14 11.13
C ASN B 299 19.42 -0.64 12.56
N VAL B 300 19.48 -1.56 13.51
CA VAL B 300 19.44 -1.23 14.94
C VAL B 300 20.89 -1.18 15.41
N TRP B 301 21.50 -0.01 15.28
CA TRP B 301 22.84 0.20 15.79
C TRP B 301 22.79 0.28 17.31
N ASP B 302 23.87 -0.16 17.96
CA ASP B 302 24.04 0.14 19.37
C ASP B 302 24.64 1.55 19.47
N ALA B 303 23.87 2.49 20.01
CA ALA B 303 24.23 3.90 20.00
C ALA B 303 25.51 4.17 20.77
N LEU B 304 26.04 3.14 21.43
CA LEU B 304 27.30 3.24 22.15
C LEU B 304 28.47 2.57 21.43
N LYS B 305 28.22 1.47 20.71
CA LYS B 305 29.30 0.69 20.13
C LYS B 305 29.35 0.72 18.61
N ALA B 306 28.36 1.34 17.96
CA ALA B 306 28.30 1.45 16.50
C ALA B 306 28.31 0.08 15.83
N ASP B 307 27.68 -0.90 16.45
CA ASP B 307 27.61 -2.24 15.90
C ASP B 307 26.20 -2.51 15.40
N ARG B 308 26.10 -3.19 14.26
CA ARG B 308 24.80 -3.54 13.69
C ARG B 308 24.21 -4.66 14.54
N ALA B 309 23.64 -4.31 15.67
CA ALA B 309 23.06 -5.30 16.59
C ALA B 309 21.57 -5.49 16.33
N GLY B 310 21.22 -5.80 15.09
CA GLY B 310 19.85 -6.06 14.72
C GLY B 310 19.49 -5.41 13.40
N VAL B 311 18.69 -6.12 12.61
CA VAL B 311 18.18 -5.63 11.35
C VAL B 311 16.70 -6.00 11.26
N LEU B 312 15.85 -5.02 10.97
CA LEU B 312 14.44 -5.29 10.72
C LEU B 312 14.28 -5.60 9.24
N ALA B 313 14.02 -6.87 8.93
CA ALA B 313 14.01 -7.36 7.55
C ALA B 313 12.57 -7.59 7.12
N GLY B 314 11.91 -6.51 6.69
CA GLY B 314 10.64 -6.57 6.00
C GLY B 314 10.72 -5.56 4.88
N HIS B 315 9.61 -4.92 4.53
CA HIS B 315 9.69 -3.68 3.76
C HIS B 315 10.42 -3.84 2.44
N ASP B 316 9.78 -4.47 1.46
CA ASP B 316 10.40 -4.70 0.15
C ASP B 316 10.87 -3.40 -0.55
N ASN B 317 10.65 -2.23 0.05
CA ASN B 317 11.21 -0.97 -0.45
C ASN B 317 12.00 -0.33 0.67
N ARG B 318 12.42 0.92 0.45
CA ARG B 318 13.33 1.59 1.37
C ARG B 318 12.59 2.13 2.58
N VAL B 319 13.13 1.85 3.76
CA VAL B 319 12.49 2.29 5.00
C VAL B 319 12.62 3.79 5.14
N SER B 320 11.51 4.51 4.94
CA SER B 320 11.54 5.96 4.85
C SER B 320 11.30 6.68 6.17
N CYS B 321 10.64 6.05 7.14
CA CYS B 321 10.38 6.74 8.40
C CYS B 321 10.41 5.74 9.55
N LEU B 322 10.90 6.21 10.70
CA LEU B 322 10.96 5.44 11.93
C LEU B 322 10.21 6.16 13.04
N GLY B 323 9.75 5.38 14.01
CA GLY B 323 9.13 5.95 15.19
C GLY B 323 9.15 4.99 16.36
N VAL B 324 9.35 5.52 17.55
CA VAL B 324 9.31 4.75 18.78
C VAL B 324 8.23 5.33 19.69
N THR B 325 7.45 4.46 20.31
CA THR B 325 6.42 4.92 21.23
C THR B 325 7.05 5.60 22.43
N ASP B 326 6.28 6.50 23.06
CA ASP B 326 6.78 7.18 24.26
C ASP B 326 7.04 6.22 25.39
N ASP B 327 6.40 5.05 25.38
CA ASP B 327 6.72 4.00 26.33
C ASP B 327 7.74 3.00 25.78
N GLY B 328 8.07 3.10 24.50
CA GLY B 328 9.08 2.24 23.91
C GLY B 328 8.66 0.81 23.66
N MET B 329 7.36 0.52 23.71
CA MET B 329 6.90 -0.86 23.59
C MET B 329 6.93 -1.36 22.14
N ALA B 330 6.98 -0.48 21.15
CA ALA B 330 6.94 -0.91 19.76
C ALA B 330 7.72 0.09 18.91
N VAL B 331 8.09 -0.36 17.72
CA VAL B 331 8.73 0.48 16.71
C VAL B 331 7.87 0.46 15.47
N ALA B 332 7.49 1.63 14.98
CA ALA B 332 6.80 1.73 13.70
C ALA B 332 7.80 2.08 12.61
N THR B 333 7.76 1.31 11.53
CA THR B 333 8.61 1.57 10.38
C THR B 333 7.74 1.70 9.14
N GLY B 334 7.90 2.82 8.44
CA GLY B 334 7.19 3.04 7.19
C GLY B 334 8.13 3.12 6.02
N SER B 335 7.71 2.55 4.88
CA SER B 335 8.55 2.41 3.71
C SER B 335 7.78 2.88 2.48
N TRP B 336 8.44 2.90 1.33
CA TRP B 336 7.75 3.24 0.08
C TRP B 336 6.89 2.11 -0.45
N ASP B 337 6.91 0.94 0.18
CA ASP B 337 6.07 -0.18 -0.24
C ASP B 337 4.63 -0.03 0.25
N SER B 338 4.25 1.15 0.73
CA SER B 338 2.87 1.48 1.10
C SER B 338 2.39 0.70 2.32
N PHE B 339 3.29 0.39 3.25
CA PHE B 339 2.93 -0.35 4.45
C PHE B 339 3.71 0.19 5.63
N LEU B 340 3.05 0.32 6.78
CA LEU B 340 3.76 0.40 8.05
C LEU B 340 3.85 -0.99 8.64
N LYS B 341 4.94 -1.24 9.35
CA LYS B 341 5.08 -2.44 10.15
C LYS B 341 5.40 -2.05 11.58
N ILE B 342 4.69 -2.65 12.52
CA ILE B 342 4.91 -2.42 13.95
C ILE B 342 5.66 -3.61 14.50
N TRP B 343 6.79 -3.35 15.15
CA TRP B 343 7.75 -4.37 15.52
C TRP B 343 7.94 -4.37 17.03
N ASN B 344 8.15 -5.56 17.59
CA ASN B 344 8.41 -5.73 19.00
C ASN B 344 9.27 -6.97 19.22
N ILE C 9 32.16 44.91 6.02
CA ILE C 9 32.45 45.32 7.38
C ILE C 9 31.34 44.83 8.31
N ALA C 10 30.20 44.44 7.72
CA ALA C 10 29.06 44.06 8.55
C ALA C 10 28.32 42.82 8.04
N GLN C 11 28.86 42.08 7.08
CA GLN C 11 28.24 40.83 6.66
C GLN C 11 28.78 39.62 7.42
N ALA C 12 30.09 39.59 7.70
CA ALA C 12 30.68 38.54 8.50
C ALA C 12 30.87 38.93 9.96
N ARG C 13 30.45 40.14 10.34
CA ARG C 13 30.56 40.55 11.74
C ARG C 13 29.66 39.72 12.63
N LYS C 14 28.45 39.40 12.16
CA LYS C 14 27.56 38.54 12.92
C LYS C 14 28.11 37.13 13.04
N LEU C 15 28.76 36.62 11.98
CA LEU C 15 29.33 35.29 12.04
C LEU C 15 30.44 35.21 13.07
N VAL C 16 31.35 36.19 13.06
CA VAL C 16 32.44 36.19 14.04
C VAL C 16 31.91 36.49 15.44
N GLU C 17 30.82 37.25 15.57
CA GLU C 17 30.22 37.45 16.88
C GLU C 17 29.65 36.15 17.42
N GLN C 18 28.99 35.37 16.56
CA GLN C 18 28.49 34.07 16.97
C GLN C 18 29.64 33.12 17.33
N LEU C 19 30.73 33.16 16.57
CA LEU C 19 31.91 32.36 16.91
C LEU C 19 32.51 32.76 18.25
N LYS C 20 32.56 34.07 18.55
CA LYS C 20 32.97 34.50 19.87
C LYS C 20 32.02 34.00 20.94
N MET C 21 30.70 34.05 20.67
CA MET C 21 29.74 33.41 21.54
C MET C 21 29.90 31.89 21.56
N GLU C 22 30.44 31.31 20.49
CA GLU C 22 30.79 29.91 20.48
C GLU C 22 32.12 29.62 21.18
N ALA C 23 32.84 30.66 21.60
CA ALA C 23 34.07 30.49 22.36
C ALA C 23 33.83 30.46 23.86
N ASN C 24 33.01 31.37 24.37
CA ASN C 24 32.72 31.45 25.81
C ASN C 24 31.68 30.38 26.16
N ILE C 25 32.16 29.14 26.19
CA ILE C 25 31.32 27.98 26.47
C ILE C 25 31.84 27.30 27.73
N ASP C 26 30.91 26.84 28.58
CA ASP C 26 31.30 26.01 29.71
C ASP C 26 31.67 24.64 29.16
N ARG C 27 32.91 24.52 28.66
CA ARG C 27 33.32 23.40 27.83
C ARG C 27 33.37 22.09 28.62
N ILE C 28 32.38 21.23 28.40
CA ILE C 28 32.37 19.87 28.92
C ILE C 28 32.91 18.98 27.82
N LYS C 29 34.05 18.33 28.08
CA LYS C 29 34.76 17.59 27.04
C LYS C 29 34.09 16.24 26.79
N VAL C 30 34.48 15.58 25.71
CA VAL C 30 33.85 14.33 25.30
C VAL C 30 34.05 13.20 26.29
N SER C 31 35.09 13.24 27.11
CA SER C 31 35.24 12.29 28.20
C SER C 31 34.43 12.68 29.43
N LYS C 32 34.20 13.98 29.64
CA LYS C 32 33.27 14.42 30.68
C LYS C 32 31.82 14.28 30.23
N ALA C 33 31.58 14.27 28.92
CA ALA C 33 30.24 14.30 28.36
C ALA C 33 29.75 12.94 27.87
N ALA C 34 30.65 11.97 27.68
CA ALA C 34 30.21 10.62 27.36
C ALA C 34 29.51 9.98 28.56
N ALA C 35 29.93 10.35 29.78
CA ALA C 35 29.31 9.87 30.99
C ALA C 35 27.83 10.18 31.06
N ASP C 36 27.38 11.31 30.50
CA ASP C 36 25.96 11.63 30.49
C ASP C 36 25.15 10.59 29.74
N LEU C 37 25.53 10.30 28.49
CA LEU C 37 24.81 9.31 27.71
C LEU C 37 24.96 7.91 28.31
N MET C 38 26.15 7.58 28.81
CA MET C 38 26.34 6.30 29.49
C MET C 38 25.39 6.12 30.66
N ALA C 39 25.34 7.11 31.57
CA ALA C 39 24.47 7.02 32.73
C ALA C 39 23.01 6.97 32.34
N TYR C 40 22.60 7.81 31.37
CA TYR C 40 21.20 7.81 30.97
C TYR C 40 20.78 6.50 30.32
N CYS C 41 21.62 5.92 29.46
CA CYS C 41 21.27 4.68 28.80
C CYS C 41 21.41 3.47 29.70
N GLU C 42 22.15 3.59 30.81
CA GLU C 42 22.22 2.47 31.75
C GLU C 42 21.10 2.54 32.78
N ALA C 43 20.74 3.75 33.23
CA ALA C 43 19.74 3.92 34.26
C ALA C 43 18.31 3.71 33.76
N HIS C 44 18.08 3.83 32.45
CA HIS C 44 16.75 3.68 31.87
C HIS C 44 16.64 2.42 31.03
N ALA C 45 17.61 1.51 31.16
CA ALA C 45 17.63 0.31 30.32
C ALA C 45 16.56 -0.69 30.74
N LYS C 46 16.27 -0.81 32.03
CA LYS C 46 15.32 -1.80 32.51
C LYS C 46 13.89 -1.51 32.08
N GLU C 47 13.56 -0.26 31.79
CA GLU C 47 12.22 0.10 31.36
C GLU C 47 12.11 0.27 29.84
N ASP C 48 13.13 -0.12 29.09
CA ASP C 48 13.05 -0.11 27.63
C ASP C 48 12.55 -1.48 27.16
N PRO C 49 11.35 -1.57 26.58
CA PRO C 49 10.84 -2.87 26.13
C PRO C 49 11.49 -3.40 24.86
N LEU C 50 12.29 -2.61 24.16
CA LEU C 50 13.00 -3.07 22.96
C LEU C 50 14.37 -3.64 23.27
N LEU C 51 15.15 -2.96 24.11
CA LEU C 51 16.44 -3.50 24.52
C LEU C 51 16.24 -4.77 25.34
N THR C 52 15.32 -4.75 26.30
CA THR C 52 14.98 -5.93 27.08
C THR C 52 13.56 -6.35 26.71
N PRO C 53 13.36 -7.54 26.12
CA PRO C 53 12.01 -7.95 25.74
C PRO C 53 11.09 -8.05 26.94
N VAL C 54 9.84 -7.63 26.74
CA VAL C 54 8.81 -7.65 27.77
C VAL C 54 8.25 -9.06 27.88
N PRO C 55 7.81 -9.51 29.05
CA PRO C 55 7.07 -10.77 29.12
C PRO C 55 5.81 -10.72 28.27
N ALA C 56 5.47 -11.87 27.68
CA ALA C 56 4.38 -11.95 26.72
C ALA C 56 3.03 -11.56 27.30
N SER C 57 2.86 -11.59 28.61
CA SER C 57 1.59 -11.20 29.23
C SER C 57 1.37 -9.69 29.22
N GLU C 58 2.44 -8.91 29.38
CA GLU C 58 2.34 -7.45 29.40
C GLU C 58 2.42 -6.82 28.01
N ASN C 59 2.73 -7.60 26.98
CA ASN C 59 2.89 -7.08 25.64
C ASN C 59 1.52 -6.84 25.02
N PRO C 60 1.17 -5.61 24.64
CA PRO C 60 -0.10 -5.37 23.95
C PRO C 60 -0.05 -5.63 22.44
N PHE C 61 1.04 -6.18 21.93
CA PHE C 61 1.15 -6.49 20.51
C PHE C 61 1.34 -7.98 20.27
N VAL D 2 -24.97 21.36 17.28
CA VAL D 2 -25.51 20.02 17.41
C VAL D 2 -26.95 20.10 17.88
N GLN D 3 -27.87 19.56 17.07
CA GLN D 3 -29.30 19.66 17.37
C GLN D 3 -30.02 18.45 16.78
N LEU D 4 -30.57 17.62 17.66
CA LEU D 4 -31.45 16.53 17.27
C LEU D 4 -32.87 16.88 17.67
N VAL D 5 -33.79 16.85 16.71
CA VAL D 5 -35.18 17.21 16.98
C VAL D 5 -36.09 16.09 16.48
N GLU D 6 -37.08 15.74 17.30
CA GLU D 6 -37.97 14.62 17.07
C GLU D 6 -39.35 15.11 16.67
N SER D 7 -40.08 14.26 15.95
CA SER D 7 -41.44 14.59 15.54
C SER D 7 -42.20 13.30 15.28
N GLY D 8 -43.53 13.39 15.35
CA GLY D 8 -44.38 12.26 15.05
C GLY D 8 -45.27 11.80 16.19
N GLY D 9 -45.19 12.49 17.31
CA GLY D 9 -45.98 12.11 18.47
C GLY D 9 -47.45 12.45 18.31
N GLY D 10 -48.24 11.93 19.23
CA GLY D 10 -49.67 12.15 19.23
C GLY D 10 -50.40 11.01 19.90
N LEU D 11 -51.71 11.05 19.80
CA LEU D 11 -52.57 10.02 20.36
C LEU D 11 -53.03 9.06 19.26
N VAL D 12 -52.91 7.76 19.53
CA VAL D 12 -53.23 6.74 18.55
C VAL D 12 -54.04 5.63 19.23
N GLN D 13 -54.99 5.05 18.45
CA GLN D 13 -55.82 3.93 18.87
C GLN D 13 -55.01 2.65 18.89
N PRO D 14 -55.35 1.70 19.77
CA PRO D 14 -54.61 0.43 19.81
C PRO D 14 -54.72 -0.30 18.48
N GLY D 15 -53.60 -0.94 18.10
CA GLY D 15 -53.52 -1.66 16.84
C GLY D 15 -53.10 -0.82 15.65
N GLY D 16 -52.97 0.49 15.82
CA GLY D 16 -52.55 1.35 14.75
C GLY D 16 -51.04 1.38 14.60
N SER D 17 -50.60 2.05 13.53
CA SER D 17 -49.19 2.14 13.19
C SER D 17 -48.78 3.61 13.12
N ARG D 18 -47.61 3.93 13.65
CA ARG D 18 -47.12 5.30 13.70
C ARG D 18 -45.67 5.34 13.23
N LYS D 19 -45.16 6.55 13.07
CA LYS D 19 -43.78 6.73 12.62
C LYS D 19 -43.20 7.98 13.28
N LEU D 20 -42.02 7.84 13.87
CA LEU D 20 -41.30 8.95 14.47
C LEU D 20 -40.07 9.28 13.63
N SER D 21 -39.83 10.58 13.48
CA SER D 21 -38.71 11.09 12.70
C SER D 21 -37.76 11.89 13.57
N CYS D 22 -36.47 11.70 13.34
CA CYS D 22 -35.39 12.37 14.05
C CYS D 22 -34.52 13.09 13.03
N SER D 23 -34.54 14.42 13.05
CA SER D 23 -33.70 15.20 12.15
C SER D 23 -32.55 15.83 12.92
N ALA D 24 -31.36 15.72 12.36
CA ALA D 24 -30.13 16.18 12.99
C ALA D 24 -29.52 17.32 12.19
N SER D 25 -28.91 18.27 12.91
CA SER D 25 -28.25 19.41 12.27
C SER D 25 -27.16 19.91 13.21
N GLY D 26 -25.91 19.82 12.78
CA GLY D 26 -24.82 20.37 13.55
C GLY D 26 -23.61 19.46 13.71
N PHE D 27 -23.66 18.28 13.10
CA PHE D 27 -22.56 17.34 13.21
C PHE D 27 -22.58 16.41 12.00
N ALA D 28 -21.69 15.42 12.02
CA ALA D 28 -21.54 14.47 10.92
C ALA D 28 -22.49 13.31 11.15
N PHE D 29 -23.71 13.43 10.62
CA PHE D 29 -24.72 12.40 10.81
C PHE D 29 -24.33 11.07 10.21
N SER D 30 -23.66 11.07 9.05
CA SER D 30 -23.29 9.83 8.38
C SER D 30 -22.25 9.03 9.13
N SER D 31 -21.56 9.63 10.11
CA SER D 31 -20.53 8.94 10.88
C SER D 31 -20.99 8.57 12.28
N PHE D 32 -22.26 8.82 12.61
CA PHE D 32 -22.81 8.52 13.92
C PHE D 32 -23.87 7.45 13.80
N GLY D 33 -23.74 6.39 14.61
CA GLY D 33 -24.85 5.49 14.84
C GLY D 33 -25.93 6.16 15.65
N MET D 34 -27.15 5.64 15.55
CA MET D 34 -28.31 6.31 16.14
C MET D 34 -29.08 5.35 17.03
N HIS D 35 -29.44 5.82 18.21
CA HIS D 35 -30.25 5.07 19.16
C HIS D 35 -31.61 5.72 19.36
N TRP D 36 -32.64 4.88 19.46
CA TRP D 36 -33.97 5.29 19.85
C TRP D 36 -34.23 4.77 21.26
N VAL D 37 -34.56 5.68 22.18
CA VAL D 37 -34.80 5.35 23.58
C VAL D 37 -36.21 5.83 23.93
N ARG D 38 -36.82 5.23 24.94
CA ARG D 38 -38.12 5.66 25.40
C ARG D 38 -38.11 5.75 26.92
N GLN D 39 -39.01 6.59 27.43
CA GLN D 39 -39.20 6.75 28.87
C GLN D 39 -40.68 6.66 29.17
N ALA D 40 -41.05 5.69 30.01
CA ALA D 40 -42.43 5.58 30.42
C ALA D 40 -42.81 6.77 31.33
N PRO D 41 -44.06 7.20 31.29
CA PRO D 41 -44.46 8.36 32.11
C PRO D 41 -44.15 8.15 33.58
N GLU D 42 -43.33 9.05 34.12
CA GLU D 42 -42.91 9.06 35.53
C GLU D 42 -42.48 7.68 36.03
N LYS D 43 -41.93 6.86 35.14
CA LYS D 43 -41.46 5.53 35.51
C LYS D 43 -39.97 5.34 35.28
N GLY D 44 -39.45 5.71 34.13
CA GLY D 44 -38.03 5.60 33.88
C GLY D 44 -37.73 5.41 32.41
N LEU D 45 -36.43 5.38 32.10
CA LEU D 45 -35.96 5.26 30.73
C LEU D 45 -35.96 3.81 30.28
N GLU D 46 -35.94 3.62 28.95
CA GLU D 46 -35.91 2.28 28.37
C GLU D 46 -35.40 2.38 26.94
N TRP D 47 -34.33 1.66 26.64
CA TRP D 47 -33.80 1.61 25.28
C TRP D 47 -34.76 0.88 24.37
N VAL D 48 -34.84 1.32 23.11
CA VAL D 48 -35.79 0.74 22.16
C VAL D 48 -35.05 0.10 20.99
N ALA D 49 -34.18 0.87 20.33
CA ALA D 49 -33.56 0.39 19.10
C ALA D 49 -32.21 1.07 18.88
N TYR D 50 -31.43 0.48 17.99
CA TYR D 50 -30.11 1.02 17.64
C TYR D 50 -29.79 0.65 16.19
N ILE D 51 -29.15 1.56 15.48
CA ILE D 51 -28.68 1.31 14.12
C ILE D 51 -27.25 1.84 14.02
N SER D 52 -26.36 1.04 13.42
CA SER D 52 -24.96 1.38 13.32
C SER D 52 -24.71 2.31 12.13
N SER D 53 -23.48 2.83 12.05
CA SER D 53 -23.11 3.70 10.95
C SER D 53 -23.14 2.95 9.63
N GLY D 54 -23.77 3.55 8.63
CA GLY D 54 -23.95 2.90 7.35
C GLY D 54 -25.06 1.88 7.28
N SER D 55 -25.89 1.81 8.32
CA SER D 55 -27.00 0.86 8.41
C SER D 55 -26.53 -0.59 8.34
N GLY D 56 -25.34 -0.87 8.88
CA GLY D 56 -24.82 -2.23 8.88
C GLY D 56 -25.42 -3.10 9.95
N THR D 57 -25.27 -2.68 11.21
CA THR D 57 -25.80 -3.43 12.34
C THR D 57 -27.06 -2.75 12.85
N ILE D 58 -28.14 -3.50 13.00
CA ILE D 58 -29.40 -3.01 13.56
C ILE D 58 -29.80 -3.93 14.70
N TYR D 59 -30.07 -3.34 15.86
CA TYR D 59 -30.46 -4.08 17.05
C TYR D 59 -31.78 -3.53 17.58
N TYR D 60 -32.61 -4.43 18.09
CA TYR D 60 -33.88 -4.07 18.70
C TYR D 60 -33.93 -4.63 20.11
N ALA D 61 -34.81 -4.07 20.92
CA ALA D 61 -35.03 -4.54 22.28
C ALA D 61 -35.93 -5.78 22.24
N ASP D 62 -35.52 -6.81 22.98
CA ASP D 62 -36.26 -8.08 22.99
C ASP D 62 -37.67 -7.91 23.50
N THR D 63 -37.97 -6.84 24.24
CA THR D 63 -39.33 -6.60 24.69
C THR D 63 -40.28 -6.40 23.51
N VAL D 64 -39.86 -5.63 22.50
CA VAL D 64 -40.72 -5.31 21.38
C VAL D 64 -39.96 -5.69 20.10
N LYS D 65 -39.08 -6.68 20.23
CA LYS D 65 -38.36 -7.17 19.06
C LYS D 65 -39.31 -7.80 18.06
N GLY D 66 -39.12 -7.48 16.78
CA GLY D 66 -39.96 -7.99 15.72
C GLY D 66 -41.18 -7.14 15.41
N ARG D 67 -41.52 -6.21 16.28
CA ARG D 67 -42.68 -5.35 16.08
C ARG D 67 -42.33 -3.98 15.52
N PHE D 68 -41.19 -3.42 15.88
CA PHE D 68 -40.77 -2.11 15.43
C PHE D 68 -39.77 -2.27 14.28
N THR D 69 -39.51 -1.17 13.57
CA THR D 69 -38.47 -1.20 12.54
C THR D 69 -37.75 0.14 12.48
N ILE D 70 -36.52 0.10 11.99
CA ILE D 70 -35.61 1.25 11.99
C ILE D 70 -35.21 1.54 10.54
N SER D 71 -35.33 2.81 10.15
CA SER D 71 -34.91 3.27 8.83
C SER D 71 -33.96 4.45 9.00
N ARG D 72 -33.13 4.67 7.99
CA ARG D 72 -32.09 5.69 8.10
C ARG D 72 -31.82 6.31 6.74
N ASP D 73 -31.57 7.61 6.73
CA ASP D 73 -31.17 8.33 5.52
C ASP D 73 -30.01 9.25 5.89
N ASP D 74 -28.79 8.82 5.56
CA ASP D 74 -27.59 9.60 5.84
C ASP D 74 -27.48 10.80 4.90
N PRO D 75 -27.69 10.67 3.59
CA PRO D 75 -27.70 11.84 2.71
C PRO D 75 -28.78 12.86 3.02
N LYS D 76 -29.85 12.47 3.73
CA LYS D 76 -30.86 13.41 4.16
C LYS D 76 -30.80 13.71 5.65
N ASN D 77 -29.97 13.01 6.42
CA ASN D 77 -29.78 13.24 7.85
C ASN D 77 -31.10 13.06 8.61
N THR D 78 -31.68 11.87 8.48
CA THR D 78 -32.96 11.58 9.12
C THR D 78 -32.95 10.15 9.63
N LEU D 79 -33.52 9.93 10.80
CA LEU D 79 -33.66 8.62 11.40
C LEU D 79 -35.14 8.32 11.66
N PHE D 80 -35.64 7.22 11.14
CA PHE D 80 -37.05 6.86 11.25
C PHE D 80 -37.22 5.64 12.15
N LEU D 81 -38.26 5.69 12.98
CA LEU D 81 -38.66 4.56 13.80
C LEU D 81 -40.14 4.30 13.54
N GLN D 82 -40.45 3.14 12.94
CA GLN D 82 -41.81 2.82 12.54
C GLN D 82 -42.38 1.77 13.49
N MET D 83 -43.58 2.04 13.99
CA MET D 83 -44.24 1.19 14.97
C MET D 83 -45.49 0.58 14.32
N THR D 84 -45.62 -0.74 14.41
CA THR D 84 -46.67 -1.47 13.70
C THR D 84 -47.93 -1.67 14.54
N SER D 85 -47.83 -2.34 15.68
CA SER D 85 -48.98 -2.57 16.55
C SER D 85 -48.63 -2.12 17.96
N LEU D 86 -49.47 -1.26 18.53
CA LEU D 86 -49.19 -0.61 19.81
C LEU D 86 -50.18 -1.09 20.86
N ARG D 87 -49.66 -1.62 21.96
CA ARG D 87 -50.47 -1.94 23.12
C ARG D 87 -50.53 -0.73 24.05
N SER D 88 -51.05 -0.92 25.26
CA SER D 88 -51.14 0.15 26.25
C SER D 88 -49.80 0.46 26.91
N GLU D 89 -48.70 -0.13 26.42
CA GLU D 89 -47.38 0.14 26.95
C GLU D 89 -46.55 1.05 26.07
N ASP D 90 -46.91 1.21 24.79
CA ASP D 90 -46.12 2.00 23.86
C ASP D 90 -46.21 3.49 24.12
N THR D 91 -47.16 3.95 24.94
CA THR D 91 -47.21 5.35 25.31
C THR D 91 -45.99 5.73 26.14
N ALA D 92 -45.26 6.75 25.69
CA ALA D 92 -43.99 7.11 26.30
C ALA D 92 -43.46 8.38 25.69
N MET D 93 -42.35 8.86 26.25
CA MET D 93 -41.61 10.00 25.77
C MET D 93 -40.38 9.47 25.04
N TYR D 94 -40.28 9.73 23.74
CA TYR D 94 -39.28 9.08 22.90
C TYR D 94 -38.13 10.02 22.60
N TYR D 95 -36.91 9.52 22.75
CA TYR D 95 -35.69 10.30 22.61
C TYR D 95 -34.79 9.69 21.54
N CYS D 96 -34.02 10.56 20.88
CA CYS D 96 -33.13 10.19 19.79
C CYS D 96 -31.71 10.57 20.20
N VAL D 97 -30.79 9.62 20.13
CA VAL D 97 -29.43 9.79 20.65
C VAL D 97 -28.42 9.45 19.56
N ARG D 98 -27.32 10.18 19.54
CA ARG D 98 -26.21 9.91 18.64
C ARG D 98 -25.12 9.12 19.36
N SER D 99 -24.36 8.35 18.59
CA SER D 99 -23.39 7.44 19.17
C SER D 99 -22.31 7.13 18.15
N ILE D 100 -21.12 7.68 18.33
CA ILE D 100 -19.97 7.38 17.48
C ILE D 100 -19.03 6.47 18.27
N TYR D 101 -18.39 5.54 17.57
CA TYR D 101 -17.63 4.47 18.21
C TYR D 101 -16.24 4.39 17.61
N TYR D 102 -15.24 4.79 18.40
CA TYR D 102 -13.84 4.51 18.11
C TYR D 102 -13.08 4.64 19.42
N TYR D 103 -11.76 4.47 19.35
CA TYR D 103 -10.94 4.49 20.54
C TYR D 103 -10.95 5.89 21.16
N GLY D 104 -11.61 6.03 22.31
CA GLY D 104 -11.62 7.27 23.05
C GLY D 104 -12.78 8.20 22.79
N SER D 105 -13.81 7.76 22.07
CA SER D 105 -14.93 8.62 21.75
C SER D 105 -15.92 8.67 22.91
N SER D 106 -16.90 9.57 22.79
CA SER D 106 -18.01 9.70 23.73
C SER D 106 -19.28 9.32 22.98
N PRO D 107 -19.76 8.10 23.16
CA PRO D 107 -20.83 7.58 22.29
C PRO D 107 -22.24 7.84 22.79
N PHE D 108 -22.43 8.69 23.79
CA PHE D 108 -23.79 9.02 24.21
C PHE D 108 -23.91 10.50 24.57
N ASP D 109 -23.09 11.35 23.96
CA ASP D 109 -22.92 12.72 24.44
C ASP D 109 -24.21 13.52 24.31
N PHE D 110 -24.89 13.42 23.17
CA PHE D 110 -26.02 14.30 22.86
C PHE D 110 -27.31 13.50 22.78
N TRP D 111 -28.36 14.02 23.39
CA TRP D 111 -29.70 13.47 23.29
C TRP D 111 -30.61 14.43 22.56
N GLY D 112 -31.72 13.90 22.02
CA GLY D 112 -32.70 14.72 21.36
C GLY D 112 -33.64 15.40 22.33
N GLN D 113 -34.64 16.09 21.77
CA GLN D 113 -35.65 16.75 22.58
C GLN D 113 -36.80 15.81 22.95
N GLY D 114 -37.12 14.84 22.12
CA GLY D 114 -38.14 13.86 22.42
C GLY D 114 -39.52 14.26 21.91
N THR D 115 -40.37 13.25 21.75
CA THR D 115 -41.75 13.46 21.34
C THR D 115 -42.66 12.57 22.17
N THR D 116 -43.91 12.99 22.35
CA THR D 116 -44.87 12.26 23.18
C THR D 116 -45.70 11.33 22.32
N LEU D 117 -45.92 10.11 22.81
CA LEU D 117 -46.81 9.16 22.15
C LEU D 117 -47.77 8.59 23.17
N THR D 118 -49.06 8.62 22.86
CA THR D 118 -50.10 8.15 23.76
C THR D 118 -50.94 7.09 23.06
N VAL D 119 -51.28 6.02 23.77
CA VAL D 119 -52.14 4.96 23.27
C VAL D 119 -53.36 4.87 24.18
N SER D 120 -54.54 4.95 23.56
CA SER D 120 -55.78 4.90 24.32
C SER D 120 -56.01 3.50 24.89
N SER D 121 -56.80 3.45 25.96
CA SER D 121 -57.11 2.18 26.61
C SER D 121 -58.44 1.63 26.09
N SER D 136 -30.67 -13.43 31.80
CA SER D 136 -30.39 -13.09 30.41
C SER D 136 -29.87 -11.67 30.29
N ASP D 137 -30.77 -10.71 30.27
CA ASP D 137 -30.38 -9.31 30.21
C ASP D 137 -29.76 -8.86 31.52
N ILE D 138 -28.89 -7.86 31.43
CA ILE D 138 -28.26 -7.29 32.61
C ILE D 138 -29.28 -6.42 33.33
N VAL D 139 -29.37 -6.57 34.65
CA VAL D 139 -30.35 -5.85 35.46
C VAL D 139 -29.61 -4.80 36.27
N MET D 140 -30.08 -3.56 36.23
CA MET D 140 -29.45 -2.45 36.91
C MET D 140 -30.31 -2.04 38.10
N THR D 141 -29.72 -2.02 39.28
CA THR D 141 -30.44 -1.76 40.52
C THR D 141 -30.00 -0.43 41.09
N GLN D 142 -30.96 0.45 41.32
CA GLN D 142 -30.70 1.77 41.90
C GLN D 142 -31.22 1.82 43.32
N ALA D 143 -30.34 2.24 44.25
CA ALA D 143 -30.63 2.08 45.67
C ALA D 143 -31.84 2.89 46.12
N THR D 144 -31.94 4.15 45.70
CA THR D 144 -33.01 5.03 46.19
C THR D 144 -33.73 5.63 44.98
N SER D 145 -34.80 6.36 45.27
CA SER D 145 -35.55 7.08 44.25
C SER D 145 -35.82 8.53 44.59
N SER D 146 -35.64 8.95 45.84
CA SER D 146 -35.85 10.33 46.23
C SER D 146 -34.92 10.65 47.41
N VAL D 147 -34.03 11.64 47.21
CA VAL D 147 -33.05 12.01 48.21
C VAL D 147 -33.11 13.53 48.40
N PRO D 148 -33.46 14.03 49.58
CA PRO D 148 -33.44 15.48 49.81
C PRO D 148 -32.03 15.95 50.17
N VAL D 149 -31.63 17.09 49.60
CA VAL D 149 -30.30 17.65 49.85
C VAL D 149 -30.34 19.14 49.51
N THR D 150 -29.47 19.90 50.16
CA THR D 150 -29.32 21.33 49.98
C THR D 150 -28.04 21.64 49.21
N PRO D 151 -27.99 22.79 48.53
CA PRO D 151 -26.77 23.14 47.78
C PRO D 151 -25.56 23.25 48.69
N GLY D 152 -24.40 22.92 48.13
CA GLY D 152 -23.15 22.95 48.87
C GLY D 152 -22.77 21.66 49.56
N GLU D 153 -23.61 20.63 49.49
CA GLU D 153 -23.35 19.35 50.13
C GLU D 153 -23.01 18.32 49.06
N SER D 154 -21.91 17.60 49.27
CA SER D 154 -21.51 16.54 48.34
C SER D 154 -22.49 15.39 48.39
N VAL D 155 -22.90 14.90 47.23
CA VAL D 155 -23.89 13.84 47.11
C VAL D 155 -23.28 12.66 46.37
N SER D 156 -23.43 11.47 46.95
CA SER D 156 -22.96 10.23 46.34
C SER D 156 -24.16 9.36 45.97
N ILE D 157 -24.28 9.04 44.69
CA ILE D 157 -25.30 8.14 44.20
C ILE D 157 -24.63 6.81 43.85
N SER D 158 -25.35 5.71 44.08
CA SER D 158 -24.78 4.39 43.81
C SER D 158 -25.78 3.55 43.03
N CYS D 159 -25.25 2.68 42.17
CA CYS D 159 -26.07 1.69 41.48
C CYS D 159 -25.25 0.44 41.22
N ARG D 160 -25.95 -0.68 41.13
CA ARG D 160 -25.34 -2.00 41.01
C ARG D 160 -25.78 -2.66 39.70
N SER D 161 -24.96 -3.59 39.22
CA SER D 161 -25.21 -4.32 38.00
C SER D 161 -25.18 -5.82 38.27
N SER D 162 -25.80 -6.58 37.36
CA SER D 162 -25.81 -8.03 37.51
C SER D 162 -24.44 -8.62 37.21
N LYS D 163 -23.95 -8.44 35.98
CA LYS D 163 -22.64 -8.93 35.59
C LYS D 163 -21.61 -7.80 35.70
N SER D 164 -20.33 -8.19 35.63
CA SER D 164 -19.24 -7.24 35.69
C SER D 164 -19.15 -6.48 34.37
N LEU D 165 -19.21 -5.15 34.44
CA LEU D 165 -19.07 -4.33 33.25
C LEU D 165 -17.65 -4.30 32.72
N LEU D 166 -16.67 -4.73 33.52
CA LEU D 166 -15.27 -4.71 33.10
C LEU D 166 -15.03 -5.75 32.02
N HIS D 167 -14.79 -5.28 30.80
CA HIS D 167 -14.44 -6.16 29.69
C HIS D 167 -12.95 -6.51 29.74
N SER D 168 -12.53 -7.36 28.81
CA SER D 168 -11.13 -7.76 28.73
C SER D 168 -10.22 -6.64 28.25
N ASN D 169 -10.76 -5.62 27.59
CA ASN D 169 -9.94 -4.50 27.14
C ASN D 169 -9.49 -3.64 28.31
N GLY D 170 -10.28 -3.61 29.38
CA GLY D 170 -10.10 -2.65 30.47
C GLY D 170 -11.17 -1.60 30.52
N ASN D 171 -12.00 -1.51 29.48
CA ASN D 171 -13.10 -0.55 29.46
C ASN D 171 -14.23 -1.01 30.36
N THR D 172 -14.87 -0.07 31.04
CA THR D 172 -16.07 -0.31 31.82
C THR D 172 -17.20 0.43 31.10
N TYR D 173 -18.24 -0.31 30.72
CA TYR D 173 -19.33 0.25 29.92
C TYR D 173 -20.49 0.71 30.80
N LEU D 174 -20.30 1.86 31.43
CA LEU D 174 -21.30 2.50 32.27
C LEU D 174 -21.49 3.95 31.85
N TYR D 175 -22.73 4.35 31.65
CA TYR D 175 -23.05 5.70 31.21
C TYR D 175 -23.96 6.34 32.25
N TRP D 176 -23.51 7.49 32.77
CA TRP D 176 -24.25 8.28 33.74
C TRP D 176 -24.84 9.49 33.04
N PHE D 177 -26.16 9.59 33.06
CA PHE D 177 -26.92 10.68 32.48
C PHE D 177 -27.69 11.44 33.56
N LEU D 178 -27.99 12.71 33.28
CA LEU D 178 -28.80 13.54 34.14
C LEU D 178 -29.97 14.07 33.33
N GLN D 179 -31.17 14.04 33.92
CA GLN D 179 -32.38 14.58 33.30
C GLN D 179 -32.92 15.66 34.22
N ARG D 180 -32.82 16.91 33.80
CA ARG D 180 -33.41 18.00 34.55
C ARG D 180 -34.92 18.05 34.31
N PRO D 181 -35.69 18.56 35.26
CA PRO D 181 -37.14 18.62 35.07
C PRO D 181 -37.52 19.55 33.93
N GLY D 182 -38.29 19.02 32.98
CA GLY D 182 -38.67 19.74 31.78
C GLY D 182 -37.66 19.68 30.66
N GLN D 183 -36.51 19.05 30.88
CA GLN D 183 -35.44 18.96 29.90
C GLN D 183 -35.27 17.52 29.43
N SER D 184 -34.26 17.30 28.60
CA SER D 184 -33.89 15.98 28.10
C SER D 184 -32.65 15.47 28.82
N PRO D 185 -32.43 14.16 28.83
CA PRO D 185 -31.23 13.62 29.48
C PRO D 185 -29.96 14.12 28.80
N GLN D 186 -28.92 14.29 29.62
CA GLN D 186 -27.62 14.74 29.14
C GLN D 186 -26.55 13.84 29.72
N LEU D 187 -25.56 13.48 28.91
CA LEU D 187 -24.48 12.64 29.40
C LEU D 187 -23.65 13.39 30.43
N LEU D 188 -23.32 12.70 31.52
CA LEU D 188 -22.37 13.18 32.50
C LEU D 188 -21.07 12.39 32.47
N ILE D 189 -21.16 11.06 32.37
CA ILE D 189 -20.00 10.20 32.26
C ILE D 189 -20.30 9.14 31.21
N TYR D 190 -19.32 8.80 30.36
CA TYR D 190 -19.63 7.85 29.29
C TYR D 190 -19.12 6.44 29.50
N ARG D 191 -17.93 6.21 30.08
CA ARG D 191 -17.52 4.83 30.33
C ARG D 191 -17.38 4.52 31.81
N MET D 192 -16.46 5.13 32.54
CA MET D 192 -16.53 4.90 33.98
C MET D 192 -16.33 6.19 34.77
N SER D 193 -15.35 7.00 34.35
CA SER D 193 -14.95 8.19 35.07
C SER D 193 -14.53 9.32 34.14
N ASN D 194 -15.02 9.31 32.91
CA ASN D 194 -14.57 10.22 31.86
C ASN D 194 -15.59 11.33 31.72
N LEU D 195 -15.19 12.55 32.02
CA LEU D 195 -16.08 13.70 31.94
C LEU D 195 -16.47 13.98 30.49
N ALA D 196 -17.65 14.57 30.33
CA ALA D 196 -18.18 14.89 29.01
C ALA D 196 -17.61 16.22 28.52
N SER D 197 -18.13 16.71 27.40
CA SER D 197 -17.72 17.98 26.82
C SER D 197 -18.73 19.04 27.23
N GLY D 198 -18.26 20.12 27.85
CA GLY D 198 -19.14 21.19 28.28
C GLY D 198 -19.79 20.99 29.62
N VAL D 199 -19.43 19.94 30.35
CA VAL D 199 -20.02 19.67 31.67
C VAL D 199 -19.07 20.19 32.73
N PRO D 200 -19.57 20.74 33.84
CA PRO D 200 -18.68 21.15 34.93
C PRO D 200 -17.90 19.95 35.49
N ASP D 201 -16.67 20.21 35.90
CA ASP D 201 -15.74 19.17 36.33
C ASP D 201 -15.92 18.76 37.78
N ARG D 202 -17.06 19.10 38.41
CA ARG D 202 -17.31 18.66 39.78
C ARG D 202 -17.86 17.26 39.86
N PHE D 203 -18.51 16.77 38.81
CA PHE D 203 -19.00 15.39 38.78
C PHE D 203 -17.84 14.43 38.60
N SER D 204 -17.92 13.28 39.26
CA SER D 204 -16.90 12.25 39.09
C SER D 204 -17.53 10.88 39.30
N GLY D 205 -16.88 9.85 38.78
CA GLY D 205 -17.38 8.49 38.90
C GLY D 205 -16.27 7.53 39.30
N SER D 206 -16.65 6.54 40.09
CA SER D 206 -15.71 5.51 40.53
C SER D 206 -16.49 4.26 40.89
N GLY D 207 -15.77 3.20 41.26
CA GLY D 207 -16.38 1.95 41.64
C GLY D 207 -15.59 0.77 41.12
N SER D 208 -16.23 -0.40 41.17
CA SER D 208 -15.57 -1.63 40.74
C SER D 208 -16.59 -2.69 40.37
N GLY D 209 -16.42 -3.26 39.19
CA GLY D 209 -17.02 -4.54 38.84
C GLY D 209 -18.53 -4.48 38.67
N THR D 210 -19.24 -4.31 39.78
CA THR D 210 -20.69 -4.21 39.79
C THR D 210 -21.23 -3.06 40.61
N ALA D 211 -20.44 -2.46 41.49
CA ALA D 211 -20.89 -1.36 42.33
C ALA D 211 -20.27 -0.06 41.82
N PHE D 212 -21.12 0.91 41.45
CA PHE D 212 -20.65 2.12 40.80
C PHE D 212 -21.26 3.34 41.48
N THR D 213 -20.41 4.32 41.81
CA THR D 213 -20.84 5.53 42.48
C THR D 213 -20.51 6.76 41.65
N LEU D 214 -21.44 7.69 41.64
CA LEU D 214 -21.30 9.01 41.05
C LEU D 214 -21.25 10.02 42.19
N THR D 215 -20.15 10.75 42.30
CA THR D 215 -19.96 11.73 43.36
C THR D 215 -20.07 13.15 42.80
N ILE D 216 -20.73 14.02 43.55
CA ILE D 216 -20.96 15.40 43.16
C ILE D 216 -20.47 16.27 44.30
N SER D 217 -19.47 17.10 44.02
CA SER D 217 -18.96 18.05 45.01
C SER D 217 -19.37 19.47 44.64
N ARG D 218 -19.65 20.26 45.67
CA ARG D 218 -20.10 21.66 45.51
C ARG D 218 -21.37 21.70 44.65
N LEU D 219 -22.43 21.08 45.17
CA LEU D 219 -23.69 20.95 44.44
C LEU D 219 -24.28 22.34 44.16
N GLU D 220 -24.81 22.51 42.96
CA GLU D 220 -25.38 23.77 42.52
C GLU D 220 -26.89 23.62 42.37
N ALA D 221 -27.61 24.74 42.28
CA ALA D 221 -29.07 24.71 42.28
C ALA D 221 -29.63 23.96 41.09
N GLU D 222 -29.04 24.13 39.91
CA GLU D 222 -29.59 23.52 38.70
C GLU D 222 -29.10 22.09 38.48
N ASP D 223 -28.31 21.54 39.40
CA ASP D 223 -27.86 20.16 39.31
C ASP D 223 -28.91 19.15 39.74
N VAL D 224 -30.05 19.61 40.26
CA VAL D 224 -31.10 18.72 40.70
C VAL D 224 -31.77 18.07 39.50
N GLY D 225 -32.33 16.89 39.72
CA GLY D 225 -32.97 16.14 38.65
C GLY D 225 -32.92 14.64 38.86
N VAL D 226 -33.18 13.87 37.81
CA VAL D 226 -33.16 12.42 37.90
C VAL D 226 -31.88 11.90 37.25
N TYR D 227 -31.09 11.15 38.01
CA TYR D 227 -29.87 10.55 37.53
C TYR D 227 -30.12 9.11 37.09
N TYR D 228 -29.47 8.73 35.99
CA TYR D 228 -29.64 7.41 35.42
C TYR D 228 -28.27 6.80 35.16
N CYS D 229 -28.15 5.51 35.46
CA CYS D 229 -26.96 4.73 35.11
C CYS D 229 -27.39 3.59 34.20
N MET D 230 -26.66 3.41 33.09
CA MET D 230 -26.95 2.33 32.16
C MET D 230 -25.67 1.61 31.76
N GLN D 231 -25.84 0.34 31.39
CA GLN D 231 -24.75 -0.45 30.85
C GLN D 231 -24.83 -0.47 29.33
N HIS D 232 -23.67 -0.44 28.67
CA HIS D 232 -23.72 -0.70 27.24
C HIS D 232 -23.38 -2.16 26.97
N LEU D 233 -22.09 -2.50 26.96
CA LEU D 233 -21.49 -3.80 27.22
C LEU D 233 -22.01 -4.95 26.36
N GLU D 234 -23.20 -4.80 25.77
CA GLU D 234 -24.01 -5.89 25.24
C GLU D 234 -25.31 -5.37 24.65
N TYR D 235 -26.09 -6.25 24.05
CA TYR D 235 -27.46 -5.82 23.75
C TYR D 235 -28.45 -6.85 24.27
N PRO D 236 -29.68 -6.43 24.66
CA PRO D 236 -30.23 -5.08 24.61
C PRO D 236 -29.68 -4.16 25.71
N LEU D 237 -29.75 -2.85 25.46
CA LEU D 237 -29.33 -1.87 26.45
C LEU D 237 -30.43 -1.65 27.48
N THR D 238 -30.04 -1.58 28.75
CA THR D 238 -30.99 -1.47 29.85
C THR D 238 -30.65 -0.24 30.69
N PHE D 239 -31.68 0.46 31.15
CA PHE D 239 -31.52 1.61 32.02
C PHE D 239 -31.81 1.25 33.47
N GLY D 240 -31.47 2.17 34.37
CA GLY D 240 -31.77 2.01 35.77
C GLY D 240 -33.16 2.52 36.12
N ALA D 241 -33.48 2.41 37.41
CA ALA D 241 -34.78 2.89 37.88
C ALA D 241 -34.86 4.42 37.83
N GLY D 242 -33.81 5.10 38.26
CA GLY D 242 -33.79 6.55 38.26
C GLY D 242 -33.76 7.15 39.65
N THR D 243 -32.66 7.81 40.01
CA THR D 243 -32.54 8.40 41.33
C THR D 243 -32.80 9.89 41.25
N LYS D 244 -33.88 10.34 41.87
CA LYS D 244 -34.31 11.73 41.78
C LYS D 244 -33.82 12.50 43.01
N LEU D 245 -33.07 13.56 42.78
CA LEU D 245 -32.58 14.38 43.88
C LEU D 245 -33.60 15.45 44.23
N GLU D 246 -33.84 15.65 45.52
CA GLU D 246 -34.83 16.59 46.01
C GLU D 246 -34.15 17.81 46.61
N LEU D 247 -34.83 18.94 46.55
CA LEU D 247 -34.34 20.19 47.10
C LEU D 247 -35.49 21.15 47.40
N PRO E 62 -8.43 -63.92 -37.51
CA PRO E 62 -7.85 -62.97 -36.55
C PRO E 62 -6.49 -62.37 -36.96
N PRO E 63 -5.55 -63.15 -37.51
CA PRO E 63 -4.27 -62.54 -37.93
C PRO E 63 -4.46 -61.57 -39.07
N CYS E 64 -3.57 -60.58 -39.13
CA CYS E 64 -3.59 -59.55 -40.16
C CYS E 64 -2.53 -59.80 -41.23
N GLN E 65 -2.07 -61.05 -41.37
CA GLN E 65 -0.94 -61.38 -42.24
C GLN E 65 0.29 -60.57 -41.87
N GLY E 66 0.48 -60.35 -40.57
CA GLY E 66 1.61 -59.60 -40.07
C GLY E 66 1.45 -59.24 -38.61
N PRO E 67 2.52 -59.36 -37.85
CA PRO E 67 2.46 -59.05 -36.41
C PRO E 67 2.45 -57.54 -36.17
N ILE E 68 2.48 -57.18 -34.89
CA ILE E 68 2.52 -55.79 -34.45
C ILE E 68 3.77 -55.58 -33.62
N GLU E 69 4.57 -54.58 -33.98
CA GLU E 69 5.79 -54.27 -33.25
C GLU E 69 6.18 -52.84 -33.55
N ILE E 70 7.11 -52.32 -32.76
CA ILE E 70 7.62 -50.96 -32.91
C ILE E 70 9.13 -51.05 -33.14
N LYS E 71 9.60 -50.35 -34.17
CA LYS E 71 11.01 -50.39 -34.52
C LYS E 71 11.87 -49.79 -33.40
N GLU E 72 13.03 -50.40 -33.19
CA GLU E 72 13.92 -49.97 -32.11
C GLU E 72 14.55 -48.61 -32.39
N THR E 73 14.80 -48.29 -33.66
CA THR E 73 15.33 -46.97 -33.99
C THR E 73 14.34 -45.87 -33.62
N PHE E 74 13.05 -46.09 -33.91
CA PHE E 74 12.03 -45.13 -33.51
C PHE E 74 11.95 -45.02 -31.99
N LYS E 75 12.12 -46.15 -31.29
CA LYS E 75 12.13 -46.11 -29.84
C LYS E 75 13.29 -45.26 -29.31
N TYR E 76 14.48 -45.41 -29.89
CA TYR E 76 15.62 -44.61 -29.45
C TYR E 76 15.39 -43.13 -29.74
N ILE E 77 14.89 -42.81 -30.93
CA ILE E 77 14.62 -41.41 -31.27
C ILE E 77 13.59 -40.82 -30.33
N ASN E 78 12.51 -41.57 -30.05
CA ASN E 78 11.48 -41.08 -29.13
C ASN E 78 12.04 -40.89 -27.73
N THR E 79 12.89 -41.82 -27.27
CA THR E 79 13.48 -41.67 -25.95
C THR E 79 14.33 -40.42 -25.86
N VAL E 80 15.17 -40.17 -26.86
CA VAL E 80 16.03 -38.99 -26.84
C VAL E 80 15.20 -37.72 -26.88
N VAL E 81 14.20 -37.67 -27.77
CA VAL E 81 13.38 -36.47 -27.90
C VAL E 81 12.61 -36.21 -26.61
N SER E 82 12.01 -37.26 -26.04
CA SER E 82 11.26 -37.10 -24.80
C SER E 82 12.15 -36.66 -23.66
N CYS E 83 13.36 -37.21 -23.56
CA CYS E 83 14.27 -36.80 -22.49
C CYS E 83 14.63 -35.33 -22.63
N LEU E 84 14.97 -34.90 -23.85
CA LEU E 84 15.34 -33.50 -24.05
C LEU E 84 14.17 -32.57 -23.72
N VAL E 85 12.98 -32.91 -24.21
CA VAL E 85 11.81 -32.06 -23.98
C VAL E 85 11.48 -32.03 -22.49
N PHE E 86 11.56 -33.17 -21.82
CA PHE E 86 11.26 -33.27 -20.39
C PHE E 86 12.21 -32.39 -19.58
N VAL E 87 13.51 -32.51 -19.84
CA VAL E 87 14.50 -31.71 -19.10
C VAL E 87 14.29 -30.22 -19.37
N LEU E 88 14.12 -29.86 -20.64
CA LEU E 88 13.96 -28.44 -20.99
C LEU E 88 12.70 -27.86 -20.37
N GLY E 89 11.60 -28.61 -20.41
CA GLY E 89 10.35 -28.13 -19.83
C GLY E 89 10.46 -27.93 -18.34
N ILE E 90 11.05 -28.90 -17.63
CA ILE E 90 11.21 -28.72 -16.19
C ILE E 90 12.08 -27.52 -15.88
N ILE E 91 13.21 -27.38 -16.58
CA ILE E 91 14.11 -26.26 -16.31
C ILE E 91 13.39 -24.94 -16.52
N GLY E 92 12.74 -24.78 -17.68
CA GLY E 92 12.09 -23.53 -17.99
C GLY E 92 10.95 -23.20 -17.05
N ASN E 93 10.08 -24.18 -16.79
CA ASN E 93 8.92 -23.92 -15.94
C ASN E 93 9.33 -23.65 -14.50
N SER E 94 10.32 -24.40 -13.99
CA SER E 94 10.79 -24.16 -12.63
C SER E 94 11.43 -22.79 -12.50
N THR E 95 12.25 -22.39 -13.49
CA THR E 95 12.85 -21.06 -13.43
C THR E 95 11.80 -19.97 -13.51
N LEU E 96 10.79 -20.14 -14.36
CA LEU E 96 9.72 -19.16 -14.47
C LEU E 96 8.95 -19.04 -13.16
N LEU E 97 8.62 -20.19 -12.55
CA LEU E 97 7.91 -20.15 -11.27
C LEU E 97 8.75 -19.50 -10.18
N ARG E 98 10.05 -19.79 -10.17
CA ARG E 98 10.95 -19.15 -9.22
C ARG E 98 10.98 -17.63 -9.42
N ILE E 99 11.04 -17.19 -10.68
CA ILE E 99 11.05 -15.76 -10.97
C ILE E 99 9.76 -15.11 -10.49
N ILE E 100 8.62 -15.74 -10.76
CA ILE E 100 7.34 -15.14 -10.43
C ILE E 100 7.14 -15.09 -8.92
N TYR E 101 7.50 -16.16 -8.21
CA TYR E 101 7.27 -16.20 -6.76
C TYR E 101 8.27 -15.33 -6.02
N LYS E 102 9.54 -15.34 -6.43
CA LYS E 102 10.58 -14.65 -5.68
C LYS E 102 10.43 -13.14 -5.79
N ASN E 103 10.14 -12.63 -6.99
CA ASN E 103 10.05 -11.19 -7.20
C ASN E 103 8.67 -10.69 -6.80
N LYS E 104 8.62 -9.76 -5.86
CA LYS E 104 7.35 -9.19 -5.43
C LYS E 104 6.79 -8.22 -6.46
N CYS E 105 7.67 -7.52 -7.18
CA CYS E 105 7.21 -6.54 -8.17
C CYS E 105 6.58 -7.21 -9.40
N MET E 106 6.97 -8.44 -9.72
CA MET E 106 6.22 -9.25 -10.67
C MET E 106 5.20 -10.17 -10.00
N ARG E 107 4.61 -9.75 -8.89
CA ARG E 107 3.48 -10.46 -8.29
C ARG E 107 2.21 -9.67 -8.59
N ASN E 108 1.45 -10.14 -9.59
CA ASN E 108 0.21 -9.49 -9.98
C ASN E 108 -0.53 -10.42 -10.93
N GLY E 109 -1.70 -9.95 -11.38
CA GLY E 109 -2.65 -10.75 -12.14
C GLY E 109 -2.07 -11.58 -13.26
N PRO E 110 -1.54 -10.92 -14.30
CA PRO E 110 -0.95 -11.68 -15.41
C PRO E 110 0.19 -12.59 -14.98
N ASN E 111 1.00 -12.16 -14.01
CA ASN E 111 2.09 -13.02 -13.54
C ASN E 111 1.54 -14.23 -12.80
N ILE E 112 0.45 -14.05 -12.04
CA ILE E 112 -0.18 -15.20 -11.38
C ILE E 112 -0.75 -16.16 -12.42
N LEU E 113 -1.36 -15.63 -13.48
CA LEU E 113 -1.86 -16.48 -14.56
C LEU E 113 -0.73 -17.24 -15.23
N ILE E 114 0.40 -16.57 -15.46
CA ILE E 114 1.54 -17.22 -16.09
C ILE E 114 2.12 -18.29 -15.17
N ALA E 115 2.14 -18.02 -13.87
CA ALA E 115 2.60 -19.02 -12.91
C ALA E 115 1.68 -20.24 -12.90
N SER E 116 0.37 -20.01 -12.97
CA SER E 116 -0.56 -21.14 -13.05
C SER E 116 -0.35 -21.94 -14.33
N LEU E 117 -0.13 -21.26 -15.45
CA LEU E 117 0.15 -21.94 -16.71
C LEU E 117 1.41 -22.79 -16.60
N ALA E 118 2.47 -22.23 -16.01
CA ALA E 118 3.71 -22.96 -15.86
C ALA E 118 3.55 -24.16 -14.92
N LEU E 119 2.80 -23.98 -13.84
CA LEU E 119 2.55 -25.09 -12.92
C LEU E 119 1.79 -26.21 -13.59
N GLY E 120 0.74 -25.86 -14.35
CA GLY E 120 0.00 -26.87 -15.08
C GLY E 120 0.86 -27.59 -16.12
N ASP E 121 1.70 -26.83 -16.83
CA ASP E 121 2.59 -27.43 -17.81
C ASP E 121 3.58 -28.39 -17.15
N LEU E 122 4.15 -27.99 -16.01
CA LEU E 122 5.09 -28.84 -15.30
C LEU E 122 4.42 -30.12 -14.82
N LEU E 123 3.23 -30.00 -14.23
CA LEU E 123 2.51 -31.19 -13.77
C LEU E 123 2.15 -32.09 -14.94
N HIS E 124 1.73 -31.51 -16.07
CA HIS E 124 1.45 -32.30 -17.27
C HIS E 124 2.67 -33.08 -17.73
N ILE E 125 3.83 -32.41 -17.81
CA ILE E 125 5.04 -33.08 -18.26
C ILE E 125 5.42 -34.21 -17.30
N VAL E 126 5.36 -33.93 -15.99
CA VAL E 126 5.74 -34.93 -14.99
C VAL E 126 4.80 -36.13 -15.04
N ILE E 127 3.51 -35.89 -15.27
CA ILE E 127 2.55 -37.00 -15.29
C ILE E 127 2.52 -37.74 -16.62
N ASP E 128 3.05 -37.15 -17.69
CA ASP E 128 3.00 -37.80 -19.00
C ASP E 128 4.31 -38.48 -19.37
N ILE E 129 5.43 -37.74 -19.38
CA ILE E 129 6.64 -38.27 -20.00
C ILE E 129 7.16 -39.55 -19.33
N PRO E 130 7.32 -39.63 -18.00
CA PRO E 130 7.84 -40.87 -17.42
C PRO E 130 6.97 -42.09 -17.67
N ILE E 131 5.65 -41.95 -17.64
CA ILE E 131 4.78 -43.11 -17.81
C ILE E 131 4.83 -43.60 -19.25
N ASN E 132 4.94 -42.68 -20.21
CA ASN E 132 5.09 -43.10 -21.60
C ASN E 132 6.45 -43.73 -21.85
N VAL E 133 7.50 -43.24 -21.19
CA VAL E 133 8.80 -43.90 -21.26
C VAL E 133 8.70 -45.32 -20.74
N TYR E 134 8.02 -45.50 -19.61
CA TYR E 134 7.82 -46.84 -19.05
C TYR E 134 7.04 -47.73 -20.02
N LYS E 135 5.98 -47.19 -20.63
CA LYS E 135 5.19 -47.98 -21.58
C LYS E 135 6.03 -48.41 -22.77
N LEU E 136 6.87 -47.50 -23.28
CA LEU E 136 7.73 -47.84 -24.41
C LEU E 136 8.77 -48.89 -24.04
N LEU E 137 9.41 -48.74 -22.88
CA LEU E 137 10.54 -49.59 -22.53
C LEU E 137 10.13 -50.89 -21.82
N ALA E 138 8.88 -51.05 -21.46
CA ALA E 138 8.46 -52.26 -20.76
C ALA E 138 7.28 -52.96 -21.40
N GLU E 139 6.33 -52.21 -21.97
CA GLU E 139 5.11 -52.77 -22.54
C GLU E 139 4.36 -53.62 -21.51
N ASP E 140 4.26 -53.09 -20.30
CA ASP E 140 3.56 -53.78 -19.22
C ASP E 140 3.07 -52.74 -18.22
N TRP E 141 2.02 -53.10 -17.48
CA TRP E 141 1.43 -52.24 -16.46
C TRP E 141 1.26 -53.03 -15.18
N PRO E 142 2.35 -53.28 -14.44
CA PRO E 142 2.28 -54.10 -13.23
C PRO E 142 1.95 -53.33 -11.94
N PHE E 143 1.47 -52.09 -12.04
CA PHE E 143 1.39 -51.21 -10.89
C PHE E 143 0.01 -51.15 -10.24
N GLY E 144 -0.97 -51.89 -10.75
CA GLY E 144 -2.28 -51.92 -10.12
C GLY E 144 -3.31 -51.09 -10.84
N ALA E 145 -4.52 -51.10 -10.27
CA ALA E 145 -5.65 -50.43 -10.91
C ALA E 145 -5.84 -49.01 -10.40
N GLU E 146 -5.39 -48.73 -9.18
CA GLU E 146 -5.68 -47.43 -8.56
C GLU E 146 -5.04 -46.28 -9.31
N MET E 147 -3.72 -46.33 -9.56
CA MET E 147 -3.12 -45.16 -10.17
C MET E 147 -3.33 -45.17 -11.69
N CYS E 148 -3.69 -46.31 -12.28
CA CYS E 148 -4.17 -46.24 -13.65
C CYS E 148 -5.57 -45.64 -13.73
N LYS E 149 -6.35 -45.72 -12.65
CA LYS E 149 -7.57 -44.94 -12.57
C LYS E 149 -7.27 -43.46 -12.43
N LEU E 150 -6.26 -43.12 -11.62
CA LEU E 150 -6.00 -41.72 -11.29
C LEU E 150 -5.20 -40.96 -12.35
N VAL E 151 -4.29 -41.61 -13.06
CA VAL E 151 -3.41 -40.90 -13.99
C VAL E 151 -4.18 -40.19 -15.12
N PRO E 152 -5.13 -40.84 -15.80
CA PRO E 152 -5.90 -40.09 -16.81
C PRO E 152 -6.64 -38.90 -16.23
N PHE E 153 -7.12 -39.02 -14.98
CA PHE E 153 -7.74 -37.88 -14.32
C PHE E 153 -6.77 -36.71 -14.21
N ILE E 154 -5.55 -36.99 -13.76
CA ILE E 154 -4.54 -35.94 -13.62
C ILE E 154 -4.18 -35.37 -14.99
N GLN E 155 -4.06 -36.24 -16.00
CA GLN E 155 -3.71 -35.78 -17.35
C GLN E 155 -4.75 -34.82 -17.89
N LYS E 156 -6.04 -35.22 -17.84
CA LYS E 156 -7.09 -34.35 -18.34
C LYS E 156 -7.22 -33.08 -17.52
N ALA E 157 -7.03 -33.18 -16.20
CA ALA E 157 -7.08 -31.97 -15.36
C ALA E 157 -5.97 -31.01 -15.74
N SER E 158 -4.75 -31.51 -15.94
CA SER E 158 -3.64 -30.65 -16.32
C SER E 158 -3.86 -30.02 -17.69
N VAL E 159 -4.37 -30.81 -18.64
CA VAL E 159 -4.63 -30.26 -19.97
C VAL E 159 -5.69 -29.17 -19.91
N GLY E 160 -6.75 -29.40 -19.14
CA GLY E 160 -7.78 -28.38 -18.98
C GLY E 160 -7.25 -27.13 -18.31
N ILE E 161 -6.45 -27.30 -17.26
CA ILE E 161 -5.84 -26.16 -16.58
C ILE E 161 -4.98 -25.36 -17.56
N THR E 162 -4.18 -26.06 -18.35
CA THR E 162 -3.31 -25.38 -19.32
C THR E 162 -4.12 -24.60 -20.34
N VAL E 163 -5.15 -25.23 -20.92
CA VAL E 163 -5.89 -24.56 -21.99
C VAL E 163 -6.70 -23.38 -21.45
N LEU E 164 -7.31 -23.56 -20.27
CA LEU E 164 -8.06 -22.46 -19.69
C LEU E 164 -7.15 -21.33 -19.23
N SER E 165 -5.95 -21.64 -18.74
CA SER E 165 -4.99 -20.61 -18.40
C SER E 165 -4.53 -19.86 -19.66
N LEU E 166 -4.35 -20.57 -20.77
CA LEU E 166 -4.04 -19.90 -22.03
C LEU E 166 -5.15 -18.95 -22.43
N CYS E 167 -6.41 -19.38 -22.32
CA CYS E 167 -7.53 -18.52 -22.68
C CYS E 167 -7.58 -17.29 -21.78
N ALA E 168 -7.44 -17.48 -20.46
CA ALA E 168 -7.49 -16.37 -19.52
C ALA E 168 -6.33 -15.40 -19.76
N LEU E 169 -5.14 -15.94 -20.02
CA LEU E 169 -3.98 -15.10 -20.30
C LEU E 169 -4.21 -14.28 -21.58
N SER E 170 -4.76 -14.90 -22.61
CA SER E 170 -5.05 -14.17 -23.84
C SER E 170 -6.06 -13.04 -23.59
N ILE E 171 -7.09 -13.32 -22.78
CA ILE E 171 -8.06 -12.29 -22.44
C ILE E 171 -7.38 -11.15 -21.69
N ASP E 172 -6.48 -11.48 -20.75
CA ASP E 172 -5.78 -10.43 -20.01
C ASP E 172 -4.89 -9.59 -20.91
N ARG E 173 -4.15 -10.22 -21.81
CA ARG E 173 -3.31 -9.46 -22.73
C ARG E 173 -4.15 -8.58 -23.66
N TYR E 174 -5.33 -9.05 -24.04
CA TYR E 174 -6.24 -8.19 -24.80
C TYR E 174 -6.70 -7.00 -23.97
N ARG E 175 -7.03 -7.25 -22.70
CA ARG E 175 -7.53 -6.17 -21.85
C ARG E 175 -6.46 -5.13 -21.57
N ALA E 176 -5.19 -5.55 -21.51
CA ALA E 176 -4.11 -4.61 -21.19
C ALA E 176 -3.91 -3.60 -22.31
N VAL E 177 -4.40 -3.89 -23.51
CA VAL E 177 -4.12 -3.03 -24.67
C VAL E 177 -5.42 -2.42 -25.18
N ALA E 178 -6.55 -2.87 -24.63
CA ALA E 178 -7.84 -2.34 -25.07
C ALA E 178 -8.44 -1.45 -23.98
N SER E 179 -8.17 -1.79 -22.73
CA SER E 179 -8.57 -1.00 -21.58
C SER E 179 -7.33 -0.48 -20.84
N TRP E 180 -6.37 0.03 -21.62
CA TRP E 180 -5.04 0.32 -21.09
C TRP E 180 -5.07 1.32 -19.94
N SER E 181 -6.10 2.17 -19.88
CA SER E 181 -6.12 3.23 -18.88
C SER E 181 -6.24 2.65 -17.49
N ARG E 182 -5.12 2.60 -16.77
CA ARG E 182 -5.04 2.05 -15.42
C ARG E 182 -5.70 0.68 -15.32
N ILE E 183 -5.40 -0.22 -16.26
CA ILE E 183 -5.90 -1.59 -16.18
C ILE E 183 -5.28 -2.24 -14.95
N LYS E 184 -4.07 -1.82 -14.60
CA LYS E 184 -3.49 -2.18 -13.32
C LYS E 184 -3.79 -1.08 -12.31
N GLY E 185 -4.87 -1.27 -11.54
CA GLY E 185 -5.26 -0.31 -10.54
C GLY E 185 -5.32 -0.93 -9.17
N ILE E 186 -4.44 -0.46 -8.27
CA ILE E 186 -4.27 -0.94 -6.90
C ILE E 186 -4.22 -2.47 -6.85
N GLY E 187 -3.84 -3.08 -7.98
CA GLY E 187 -3.77 -4.53 -8.08
C GLY E 187 -5.14 -5.19 -8.13
N VAL E 188 -5.22 -6.33 -8.79
CA VAL E 188 -6.45 -7.13 -8.77
C VAL E 188 -6.09 -8.59 -8.52
N PRO E 189 -5.62 -8.95 -7.33
CA PRO E 189 -5.40 -10.38 -7.04
C PRO E 189 -6.68 -11.12 -6.67
N LYS E 190 -7.78 -10.40 -6.45
CA LYS E 190 -9.01 -11.03 -6.00
C LYS E 190 -9.77 -11.69 -7.15
N TRP E 191 -10.07 -10.92 -8.20
CA TRP E 191 -10.79 -11.48 -9.33
C TRP E 191 -9.97 -12.54 -10.06
N THR E 192 -8.65 -12.35 -10.13
CA THR E 192 -7.81 -13.42 -10.65
C THR E 192 -7.87 -14.66 -9.78
N ALA E 193 -8.02 -14.49 -8.46
CA ALA E 193 -8.12 -15.64 -7.58
C ALA E 193 -9.38 -16.45 -7.85
N VAL E 194 -10.53 -15.78 -7.97
CA VAL E 194 -11.76 -16.52 -8.25
C VAL E 194 -11.71 -17.10 -9.65
N GLU E 195 -11.05 -16.41 -10.58
CA GLU E 195 -10.90 -16.95 -11.93
C GLU E 195 -10.09 -18.24 -11.93
N ILE E 196 -8.97 -18.25 -11.20
CA ILE E 196 -8.10 -19.42 -11.17
C ILE E 196 -8.80 -20.57 -10.45
N VAL E 197 -9.52 -20.27 -9.37
CA VAL E 197 -10.25 -21.32 -8.67
C VAL E 197 -11.34 -21.90 -9.57
N LEU E 198 -12.05 -21.05 -10.29
CA LEU E 198 -13.09 -21.52 -11.21
C LEU E 198 -12.50 -22.41 -12.29
N ILE E 199 -11.37 -21.99 -12.86
CA ILE E 199 -10.70 -22.75 -13.92
C ILE E 199 -10.29 -24.11 -13.37
N TRP E 200 -9.68 -24.12 -12.19
CA TRP E 200 -9.20 -25.38 -11.63
C TRP E 200 -10.37 -26.31 -11.29
N VAL E 201 -11.46 -25.77 -10.75
CA VAL E 201 -12.61 -26.60 -10.41
C VAL E 201 -13.23 -27.20 -11.68
N VAL E 202 -13.37 -26.40 -12.74
CA VAL E 202 -13.92 -26.93 -13.98
C VAL E 202 -13.01 -28.01 -14.55
N SER E 203 -11.70 -27.77 -14.55
CA SER E 203 -10.77 -28.76 -15.09
C SER E 203 -10.81 -30.05 -14.28
N VAL E 204 -10.90 -29.95 -12.95
CA VAL E 204 -10.94 -31.14 -12.11
C VAL E 204 -12.23 -31.92 -12.34
N VAL E 205 -13.38 -31.23 -12.35
CA VAL E 205 -14.65 -31.92 -12.48
C VAL E 205 -14.78 -32.55 -13.86
N LEU E 206 -14.24 -31.92 -14.91
CA LEU E 206 -14.35 -32.49 -16.24
C LEU E 206 -13.43 -33.69 -16.44
N ALA E 207 -12.50 -33.92 -15.51
CA ALA E 207 -11.62 -35.09 -15.56
C ALA E 207 -12.08 -36.23 -14.66
N VAL E 208 -13.13 -36.02 -13.86
CA VAL E 208 -13.64 -37.10 -13.00
C VAL E 208 -14.12 -38.30 -13.81
N PRO E 209 -14.80 -38.15 -14.95
CA PRO E 209 -15.14 -39.35 -15.74
C PRO E 209 -13.93 -40.21 -16.08
N GLU E 210 -12.77 -39.59 -16.31
CA GLU E 210 -11.55 -40.36 -16.44
C GLU E 210 -11.14 -41.00 -15.12
N ALA E 211 -11.57 -40.41 -13.99
CA ALA E 211 -11.29 -40.99 -12.68
C ALA E 211 -12.30 -42.04 -12.28
N ILE E 212 -13.30 -42.33 -13.13
CA ILE E 212 -14.25 -43.40 -12.85
C ILE E 212 -14.13 -44.50 -13.90
N GLY E 213 -13.78 -44.14 -15.12
CA GLY E 213 -13.89 -45.02 -16.26
C GLY E 213 -13.01 -46.26 -16.35
N PHE E 214 -11.71 -46.10 -16.07
CA PHE E 214 -10.76 -47.15 -16.44
C PHE E 214 -10.89 -48.37 -15.54
N ASP E 215 -10.33 -49.48 -16.03
CA ASP E 215 -10.34 -50.75 -15.32
C ASP E 215 -9.31 -51.66 -15.99
N ILE E 216 -8.87 -52.68 -15.24
CA ILE E 216 -7.92 -53.66 -15.73
C ILE E 216 -8.67 -54.90 -16.21
N ILE E 217 -8.36 -55.34 -17.42
CA ILE E 217 -8.94 -56.55 -18.00
C ILE E 217 -7.79 -57.43 -18.49
N THR E 218 -7.93 -58.73 -18.27
CA THR E 218 -6.94 -59.72 -18.66
C THR E 218 -7.28 -60.29 -20.02
N MET E 219 -6.26 -60.78 -20.73
CA MET E 219 -6.45 -61.33 -22.06
C MET E 219 -5.30 -62.29 -22.36
N ASP E 220 -5.56 -63.21 -23.29
CA ASP E 220 -4.53 -64.06 -23.86
C ASP E 220 -4.38 -63.75 -25.34
N TYR E 221 -3.15 -63.51 -25.78
CA TYR E 221 -2.86 -63.09 -27.15
C TYR E 221 -1.69 -63.94 -27.65
N LYS E 222 -2.00 -64.91 -28.52
CA LYS E 222 -1.00 -65.76 -29.14
C LYS E 222 -0.11 -66.45 -28.10
N GLY E 223 -0.69 -66.85 -26.97
CA GLY E 223 -0.01 -67.52 -25.90
C GLY E 223 0.49 -66.61 -24.80
N SER E 224 0.54 -65.30 -25.06
CA SER E 224 1.02 -64.35 -24.06
C SER E 224 -0.14 -63.89 -23.18
N TYR E 225 0.05 -63.99 -21.87
CA TYR E 225 -0.95 -63.54 -20.91
C TYR E 225 -0.69 -62.08 -20.57
N LEU E 226 -1.65 -61.21 -20.89
CA LEU E 226 -1.47 -59.78 -20.74
C LEU E 226 -2.60 -59.21 -19.89
N ARG E 227 -2.30 -58.09 -19.23
CA ARG E 227 -3.28 -57.33 -18.47
C ARG E 227 -3.23 -55.88 -18.95
N ILE E 228 -4.38 -55.31 -19.25
CA ILE E 228 -4.48 -53.99 -19.86
C ILE E 228 -5.44 -53.14 -19.04
N CYS E 229 -4.99 -51.97 -18.62
CA CYS E 229 -5.87 -51.00 -17.95
C CYS E 229 -6.28 -49.94 -18.96
N LEU E 230 -7.59 -49.77 -19.14
CA LEU E 230 -8.14 -49.00 -20.24
C LEU E 230 -9.58 -48.64 -19.92
N LEU E 231 -10.26 -48.02 -20.88
CA LEU E 231 -11.68 -47.68 -20.76
C LEU E 231 -12.48 -48.90 -21.19
N HIS E 232 -13.04 -49.61 -20.21
CA HIS E 232 -13.78 -50.84 -20.50
C HIS E 232 -15.07 -50.50 -21.24
N PRO E 233 -15.36 -51.20 -22.34
CA PRO E 233 -16.61 -50.89 -23.09
C PRO E 233 -17.87 -51.08 -22.27
N VAL E 234 -17.92 -52.07 -21.39
CA VAL E 234 -19.11 -52.32 -20.58
C VAL E 234 -19.05 -51.44 -19.34
N GLN E 235 -20.08 -50.62 -19.15
CA GLN E 235 -20.12 -49.68 -18.04
C GLN E 235 -21.54 -49.63 -17.46
N LYS E 236 -21.68 -48.90 -16.36
CA LYS E 236 -22.92 -48.96 -15.59
C LYS E 236 -24.01 -48.07 -16.18
N THR E 237 -23.79 -46.77 -16.22
CA THR E 237 -24.83 -45.81 -16.57
C THR E 237 -24.79 -45.51 -18.07
N ALA E 238 -25.94 -45.06 -18.57
CA ALA E 238 -26.04 -44.68 -19.98
C ALA E 238 -25.15 -43.48 -20.30
N PHE E 239 -25.10 -42.50 -19.38
CA PHE E 239 -24.22 -41.35 -19.59
C PHE E 239 -22.76 -41.78 -19.64
N MET E 240 -22.37 -42.73 -18.78
CA MET E 240 -21.00 -43.21 -18.80
C MET E 240 -20.69 -43.92 -20.12
N GLN E 241 -21.65 -44.70 -20.65
CA GLN E 241 -21.45 -45.34 -21.93
C GLN E 241 -21.34 -44.32 -23.05
N PHE E 242 -22.15 -43.25 -22.99
CA PHE E 242 -22.02 -42.18 -23.97
C PHE E 242 -20.66 -41.52 -23.89
N TYR E 243 -20.14 -41.34 -22.68
CA TYR E 243 -18.77 -40.84 -22.51
C TYR E 243 -17.77 -41.80 -23.13
N LYS E 244 -17.95 -43.10 -22.92
CA LYS E 244 -17.03 -44.08 -23.48
C LYS E 244 -17.05 -44.05 -25.00
N THR E 245 -18.21 -43.78 -25.60
CA THR E 245 -18.33 -43.71 -27.05
C THR E 245 -17.88 -42.39 -27.65
N ALA E 246 -17.92 -41.29 -26.88
CA ALA E 246 -17.57 -39.98 -27.40
C ALA E 246 -16.33 -39.39 -26.72
N LYS E 247 -15.52 -40.23 -26.08
CA LYS E 247 -14.29 -39.78 -25.42
C LYS E 247 -13.43 -38.90 -26.34
N ASP E 248 -12.98 -39.45 -27.47
CA ASP E 248 -12.03 -38.74 -28.31
C ASP E 248 -12.66 -37.52 -28.95
N TRP E 249 -13.93 -37.59 -29.32
CA TRP E 249 -14.61 -36.44 -29.88
C TRP E 249 -14.70 -35.30 -28.86
N TRP E 250 -15.02 -35.64 -27.61
CA TRP E 250 -15.07 -34.63 -26.55
C TRP E 250 -13.70 -34.03 -26.31
N LEU E 251 -12.66 -34.87 -26.27
CA LEU E 251 -11.31 -34.35 -26.07
C LEU E 251 -10.89 -33.41 -27.19
N PHE E 252 -11.19 -33.77 -28.43
CA PHE E 252 -10.80 -32.93 -29.56
C PHE E 252 -11.61 -31.64 -29.60
N SER E 253 -12.88 -31.69 -29.20
CA SER E 253 -13.74 -30.51 -29.29
C SER E 253 -13.59 -29.57 -28.10
N PHE E 254 -13.10 -30.04 -26.96
CA PHE E 254 -12.98 -29.20 -25.78
C PHE E 254 -11.55 -28.82 -25.45
N TYR E 255 -10.62 -29.78 -25.45
CA TYR E 255 -9.25 -29.49 -25.08
C TYR E 255 -8.40 -28.94 -26.22
N PHE E 256 -8.89 -29.01 -27.47
CA PHE E 256 -8.10 -28.51 -28.60
C PHE E 256 -8.78 -27.38 -29.34
N CYS E 257 -10.03 -27.56 -29.77
CA CYS E 257 -10.67 -26.55 -30.63
C CYS E 257 -11.03 -25.31 -29.85
N LEU E 258 -11.65 -25.47 -28.67
CA LEU E 258 -12.10 -24.31 -27.90
C LEU E 258 -10.94 -23.42 -27.44
N PRO E 259 -9.88 -23.93 -26.81
CA PRO E 259 -8.77 -23.03 -26.44
C PRO E 259 -8.11 -22.39 -27.64
N LEU E 260 -7.94 -23.13 -28.73
CA LEU E 260 -7.37 -22.57 -29.94
C LEU E 260 -8.19 -21.39 -30.43
N ALA E 261 -9.51 -21.58 -30.55
CA ALA E 261 -10.37 -20.52 -31.05
C ALA E 261 -10.35 -19.31 -30.12
N ILE E 262 -10.45 -19.55 -28.81
CA ILE E 262 -10.52 -18.44 -27.86
C ILE E 262 -9.22 -17.64 -27.89
N THR E 263 -8.08 -18.32 -27.76
CA THR E 263 -6.80 -17.63 -27.74
C THR E 263 -6.55 -16.90 -29.06
N ALA E 264 -6.82 -17.56 -30.18
CA ALA E 264 -6.59 -16.92 -31.48
C ALA E 264 -7.46 -15.69 -31.65
N PHE E 265 -8.73 -15.77 -31.26
CA PHE E 265 -9.63 -14.63 -31.42
C PHE E 265 -9.22 -13.47 -30.52
N PHE E 266 -8.95 -13.74 -29.25
CA PHE E 266 -8.58 -12.67 -28.33
C PHE E 266 -7.24 -12.04 -28.74
N TYR E 267 -6.28 -12.87 -29.16
CA TYR E 267 -5.00 -12.34 -29.60
C TYR E 267 -5.12 -11.58 -30.90
N THR E 268 -6.03 -11.98 -31.79
CA THR E 268 -6.27 -11.22 -33.01
C THR E 268 -6.85 -9.83 -32.69
N LEU E 269 -7.80 -9.77 -31.75
CA LEU E 269 -8.33 -8.47 -31.34
C LEU E 269 -7.24 -7.62 -30.71
N MET E 270 -6.40 -8.22 -29.86
CA MET E 270 -5.31 -7.48 -29.23
C MET E 270 -4.32 -6.94 -30.24
N THR E 271 -3.94 -7.77 -31.22
CA THR E 271 -3.04 -7.34 -32.28
C THR E 271 -3.66 -6.21 -33.10
N CYS E 272 -4.94 -6.33 -33.44
CA CYS E 272 -5.64 -5.30 -34.19
CA CYS E 272 -5.64 -5.30 -34.19
C CYS E 272 -5.63 -3.99 -33.42
N GLU E 273 -5.89 -4.05 -32.12
CA GLU E 273 -5.88 -2.84 -31.30
C GLU E 273 -4.49 -2.23 -31.23
N MET E 274 -3.46 -3.07 -31.11
CA MET E 274 -2.08 -2.60 -31.07
C MET E 274 -1.71 -1.87 -32.36
N LEU E 275 -1.97 -2.50 -33.50
CA LEU E 275 -1.60 -1.92 -34.79
C LEU E 275 -2.75 -1.10 -35.37
N ARG E 276 -3.62 -0.57 -34.51
CA ARG E 276 -4.76 0.21 -34.95
C ARG E 276 -4.36 1.64 -35.30
N LYS E 277 -3.41 1.79 -36.23
CA LYS E 277 -3.01 3.12 -36.66
C LYS E 277 -3.90 3.60 -37.79
N LYS E 278 -4.51 4.77 -37.59
CA LYS E 278 -5.42 5.33 -38.59
C LYS E 278 -4.83 6.55 -39.25
N SER E 279 -4.43 7.55 -38.44
CA SER E 279 -3.83 8.76 -38.97
C SER E 279 -2.37 8.53 -39.32
N GLY E 280 -2.01 8.69 -40.60
CA GLY E 280 -0.66 8.45 -41.05
C GLY E 280 0.36 9.39 -40.44
N MET E 281 1.22 8.85 -39.58
CA MET E 281 2.31 9.60 -38.95
C MET E 281 1.79 10.83 -38.22
N GLN E 282 0.70 10.65 -37.46
CA GLN E 282 0.22 11.74 -36.60
C GLN E 282 1.26 12.10 -35.54
N ILE E 283 2.08 11.14 -35.13
CA ILE E 283 3.18 11.35 -34.21
C ILE E 283 4.45 10.80 -34.85
N ALA E 284 5.57 11.48 -34.63
CA ALA E 284 6.86 11.09 -35.17
C ALA E 284 7.54 10.01 -34.33
N LEU E 285 6.77 9.30 -33.50
CA LEU E 285 7.35 8.33 -32.57
C LEU E 285 8.05 7.19 -33.31
N ASN E 286 7.35 6.57 -34.28
CA ASN E 286 7.86 5.48 -35.10
C ASN E 286 8.62 4.44 -34.28
N ASP E 287 9.64 3.83 -34.89
CA ASP E 287 10.54 2.90 -34.20
C ASP E 287 9.79 1.76 -33.54
N HIS E 288 9.13 2.03 -32.41
CA HIS E 288 8.50 1.01 -31.60
C HIS E 288 7.18 0.51 -32.17
N LEU E 289 6.68 1.12 -33.26
CA LEU E 289 5.58 0.49 -33.97
C LEU E 289 6.02 -0.86 -34.54
N LYS E 290 7.24 -0.93 -35.07
CA LYS E 290 7.83 -2.20 -35.44
C LYS E 290 8.02 -3.11 -34.23
N GLN E 291 8.26 -2.55 -33.04
CA GLN E 291 8.33 -3.37 -31.83
C GLN E 291 6.98 -4.00 -31.52
N ARG E 292 5.90 -3.24 -31.69
CA ARG E 292 4.57 -3.80 -31.54
C ARG E 292 4.30 -4.88 -32.59
N ARG E 293 4.76 -4.65 -33.82
CA ARG E 293 4.67 -5.66 -34.86
C ARG E 293 5.37 -6.95 -34.43
N GLU E 294 6.56 -6.80 -33.84
CA GLU E 294 7.36 -7.91 -33.34
C GLU E 294 6.63 -8.70 -32.26
N VAL E 295 6.06 -7.98 -31.27
CA VAL E 295 5.39 -8.68 -30.18
C VAL E 295 4.11 -9.34 -30.67
N ALA E 296 3.45 -8.74 -31.67
CA ALA E 296 2.28 -9.36 -32.28
C ALA E 296 2.66 -10.65 -33.02
N LYS E 297 3.80 -10.61 -33.71
CA LYS E 297 4.31 -11.80 -34.39
C LYS E 297 4.62 -12.89 -33.38
N THR E 298 5.21 -12.51 -32.24
CA THR E 298 5.43 -13.46 -31.16
C THR E 298 4.12 -14.06 -30.65
N VAL E 299 3.11 -13.21 -30.49
CA VAL E 299 1.81 -13.66 -30.03
C VAL E 299 1.22 -14.69 -30.99
N PHE E 300 1.28 -14.41 -32.28
CA PHE E 300 0.74 -15.35 -33.25
C PHE E 300 1.59 -16.60 -33.41
N CYS E 301 2.89 -16.52 -33.11
CA CYS E 301 3.72 -17.73 -33.10
C CYS E 301 3.40 -18.62 -31.91
N LEU E 302 3.07 -18.02 -30.76
CA LEU E 302 2.72 -18.78 -29.57
C LEU E 302 1.44 -19.58 -29.76
N VAL E 303 0.60 -19.15 -30.69
CA VAL E 303 -0.62 -19.88 -31.04
C VAL E 303 -0.36 -20.94 -32.09
N LEU E 304 0.48 -20.62 -33.08
CA LEU E 304 0.82 -21.59 -34.11
C LEU E 304 1.55 -22.79 -33.52
N VAL E 305 2.47 -22.56 -32.58
CA VAL E 305 3.17 -23.69 -31.97
C VAL E 305 2.21 -24.56 -31.19
N PHE E 306 1.27 -23.95 -30.46
CA PHE E 306 0.26 -24.71 -29.73
C PHE E 306 -0.57 -25.56 -30.67
N ALA E 307 -1.05 -24.96 -31.76
CA ALA E 307 -1.87 -25.69 -32.72
C ALA E 307 -1.11 -26.85 -33.35
N LEU E 308 0.10 -26.57 -33.86
CA LEU E 308 0.86 -27.60 -34.56
C LEU E 308 1.37 -28.68 -33.62
N CYS E 309 1.51 -28.39 -32.33
CA CYS E 309 1.98 -29.39 -31.39
C CYS E 309 0.87 -30.17 -30.70
N TRP E 310 -0.38 -29.67 -30.74
CA TRP E 310 -1.50 -30.43 -30.21
C TRP E 310 -2.35 -31.08 -31.30
N LEU E 311 -2.14 -30.74 -32.58
CA LEU E 311 -2.89 -31.39 -33.65
C LEU E 311 -2.65 -32.89 -33.75
N PRO E 312 -1.40 -33.39 -33.79
CA PRO E 312 -1.20 -34.80 -34.18
C PRO E 312 -1.88 -35.82 -33.28
N LEU E 313 -1.98 -35.58 -31.97
CA LEU E 313 -2.61 -36.56 -31.10
C LEU E 313 -4.09 -36.74 -31.44
N HIS E 314 -4.80 -35.62 -31.58
CA HIS E 314 -6.21 -35.69 -31.95
C HIS E 314 -6.38 -36.21 -33.37
N LEU E 315 -5.43 -35.89 -34.26
CA LEU E 315 -5.45 -36.46 -35.60
C LEU E 315 -5.35 -37.97 -35.56
N SER E 316 -4.43 -38.49 -34.75
CA SER E 316 -4.29 -39.94 -34.61
C SER E 316 -5.55 -40.57 -34.06
N ARG E 317 -6.16 -39.92 -33.06
CA ARG E 317 -7.37 -40.49 -32.47
C ARG E 317 -8.54 -40.48 -33.47
N ILE E 318 -8.67 -39.43 -34.27
CA ILE E 318 -9.76 -39.42 -35.24
C ILE E 318 -9.50 -40.42 -36.37
N LEU E 319 -8.24 -40.61 -36.78
CA LEU E 319 -7.96 -41.68 -37.75
C LEU E 319 -8.27 -43.04 -37.15
N LYS E 320 -8.00 -43.24 -35.85
CA LYS E 320 -8.39 -44.47 -35.19
C LYS E 320 -9.90 -44.67 -35.23
N LEU E 321 -10.65 -43.60 -34.98
CA LEU E 321 -12.11 -43.70 -34.99
C LEU E 321 -12.68 -43.88 -36.39
N THR E 322 -11.96 -43.45 -37.42
CA THR E 322 -12.48 -43.47 -38.79
C THR E 322 -12.06 -44.70 -39.58
N LEU E 323 -10.77 -45.01 -39.63
CA LEU E 323 -10.25 -46.01 -40.55
C LEU E 323 -10.06 -47.39 -39.94
N TYR E 324 -10.44 -47.59 -38.68
CA TYR E 324 -10.27 -48.88 -38.03
C TYR E 324 -11.41 -49.81 -38.44
N ASN E 325 -11.05 -50.96 -38.99
CA ASN E 325 -12.00 -51.97 -39.43
C ASN E 325 -11.88 -53.20 -38.55
N GLN E 326 -12.68 -54.22 -38.86
CA GLN E 326 -12.67 -55.47 -38.10
C GLN E 326 -12.94 -56.62 -39.05
N ASN E 327 -12.64 -57.82 -38.58
CA ASN E 327 -12.83 -59.14 -39.19
C ASN E 327 -12.09 -59.27 -40.53
N ASP E 328 -11.24 -58.33 -40.91
CA ASP E 328 -10.46 -58.41 -42.13
C ASP E 328 -9.01 -58.05 -41.83
N PRO E 329 -8.06 -58.63 -42.55
CA PRO E 329 -6.63 -58.36 -42.30
C PRO E 329 -6.17 -57.05 -42.92
N ASN E 330 -6.85 -55.96 -42.56
CA ASN E 330 -6.54 -54.63 -43.09
C ASN E 330 -6.61 -53.59 -41.99
N ARG E 331 -6.18 -53.93 -40.78
CA ARG E 331 -6.26 -53.00 -39.67
C ARG E 331 -4.96 -52.94 -38.89
N CYS E 332 -4.13 -53.98 -38.99
CA CYS E 332 -2.96 -54.08 -38.13
C CYS E 332 -1.89 -53.07 -38.50
N GLU E 333 -1.65 -52.85 -39.80
CA GLU E 333 -0.67 -51.85 -40.22
C GLU E 333 -1.12 -50.46 -39.79
N LEU E 334 -2.43 -50.21 -39.81
CA LEU E 334 -2.94 -48.93 -39.32
C LEU E 334 -2.61 -48.73 -37.85
N LEU E 335 -2.76 -49.78 -37.03
CA LEU E 335 -2.39 -49.69 -35.63
C LEU E 335 -0.89 -49.46 -35.47
N SER E 336 -0.08 -50.14 -36.28
CA SER E 336 1.37 -49.97 -36.19
C SER E 336 1.76 -48.53 -36.50
N PHE E 337 1.13 -47.92 -37.51
CA PHE E 337 1.38 -46.51 -37.79
C PHE E 337 0.87 -45.62 -36.66
N LEU E 338 -0.29 -45.95 -36.08
CA LEU E 338 -0.89 -45.11 -35.06
C LEU E 338 -0.08 -45.10 -33.78
N LEU E 339 0.60 -46.20 -33.45
CA LEU E 339 1.51 -46.17 -32.30
C LEU E 339 2.54 -45.05 -32.43
N VAL E 340 3.26 -45.04 -33.55
CA VAL E 340 4.32 -44.05 -33.75
C VAL E 340 3.74 -42.65 -33.81
N LEU E 341 2.61 -42.49 -34.51
CA LEU E 341 2.02 -41.17 -34.66
C LEU E 341 1.55 -40.63 -33.32
N ASP E 342 0.93 -41.48 -32.49
CA ASP E 342 0.51 -41.06 -31.15
C ASP E 342 1.70 -40.68 -30.29
N TYR E 343 2.78 -41.47 -30.32
CA TYR E 343 3.93 -41.13 -29.51
C TYR E 343 4.56 -39.81 -29.94
N ILE E 344 4.67 -39.59 -31.26
CA ILE E 344 5.22 -38.33 -31.75
C ILE E 344 4.32 -37.16 -31.34
N GLY E 345 3.00 -37.35 -31.45
CA GLY E 345 2.09 -36.28 -31.09
C GLY E 345 2.16 -35.91 -29.63
N ILE E 346 2.23 -36.91 -28.74
CA ILE E 346 2.34 -36.58 -27.32
C ILE E 346 3.70 -35.94 -27.01
N ASN E 347 4.78 -36.38 -27.69
CA ASN E 347 6.07 -35.75 -27.48
C ASN E 347 6.04 -34.28 -27.86
N MET E 348 5.42 -33.96 -29.01
CA MET E 348 5.42 -32.55 -29.42
C MET E 348 4.41 -31.75 -28.61
N ALA E 349 3.40 -32.40 -28.04
CA ALA E 349 2.55 -31.72 -27.07
C ALA E 349 3.34 -31.33 -25.82
N SER E 350 4.21 -32.22 -25.35
CA SER E 350 5.09 -31.86 -24.25
C SER E 350 6.05 -30.75 -24.66
N LEU E 351 6.48 -30.76 -25.92
CA LEU E 351 7.31 -29.67 -26.43
C LEU E 351 6.56 -28.33 -26.36
N ASN E 352 5.28 -28.34 -26.75
CA ASN E 352 4.48 -27.13 -26.63
C ASN E 352 4.35 -26.69 -25.17
N SER E 353 4.19 -27.66 -24.26
CA SER E 353 4.22 -27.35 -22.84
C SER E 353 5.51 -26.64 -22.47
N CYS E 354 6.63 -27.07 -23.06
CA CYS E 354 7.93 -26.46 -22.76
C CYS E 354 8.11 -25.10 -23.41
N ILE E 355 7.40 -24.82 -24.51
CA ILE E 355 7.77 -23.71 -25.39
C ILE E 355 7.62 -22.34 -24.72
N ASN E 356 6.72 -22.19 -23.75
CA ASN E 356 6.38 -20.86 -23.26
C ASN E 356 7.53 -20.11 -22.57
N PRO E 357 8.27 -20.70 -21.61
CA PRO E 357 9.36 -19.94 -20.98
C PRO E 357 10.41 -19.45 -21.96
N ILE E 358 10.68 -20.19 -23.03
CA ILE E 358 11.65 -19.75 -24.02
C ILE E 358 11.18 -18.46 -24.69
N ALA E 359 9.90 -18.41 -25.09
CA ALA E 359 9.36 -17.20 -25.69
C ALA E 359 9.36 -16.04 -24.71
N LEU E 360 9.00 -16.30 -23.45
CA LEU E 360 9.04 -15.24 -22.45
C LEU E 360 10.46 -14.72 -22.24
N TYR E 361 11.46 -15.60 -22.27
CA TYR E 361 12.85 -15.15 -22.18
C TYR E 361 13.25 -14.30 -23.38
N LEU E 362 12.91 -14.75 -24.59
CA LEU E 362 13.42 -14.08 -25.78
C LEU E 362 12.58 -12.88 -26.21
N VAL E 363 11.48 -12.59 -25.54
CA VAL E 363 10.64 -11.45 -25.86
C VAL E 363 10.67 -10.39 -24.76
N SER E 364 10.43 -10.80 -23.52
CA SER E 364 10.35 -9.86 -22.41
C SER E 364 11.75 -9.56 -21.88
N LYS E 365 12.15 -8.29 -21.96
CA LYS E 365 13.46 -7.89 -21.47
C LYS E 365 13.59 -8.11 -19.97
N ARG E 366 12.53 -7.79 -19.21
CA ARG E 366 12.53 -8.05 -17.79
C ARG E 366 12.70 -9.54 -17.51
N PHE E 367 11.95 -10.38 -18.25
CA PHE E 367 12.08 -11.82 -18.09
C PHE E 367 13.44 -12.31 -18.57
N LYS E 368 13.99 -11.71 -19.62
CA LYS E 368 15.33 -12.06 -20.06
C LYS E 368 16.35 -11.82 -18.94
N ASN E 369 16.27 -10.66 -18.30
CA ASN E 369 17.19 -10.35 -17.20
C ASN E 369 16.96 -11.29 -16.02
N CYS E 370 15.71 -11.61 -15.72
CA CYS E 370 15.42 -12.53 -14.62
C CYS E 370 15.99 -13.91 -14.89
N PHE E 371 15.81 -14.42 -16.11
CA PHE E 371 16.37 -15.72 -16.46
C PHE E 371 17.89 -15.70 -16.42
N LYS E 372 18.51 -14.62 -16.91
CA LYS E 372 19.96 -14.52 -16.84
C LYS E 372 20.45 -14.53 -15.40
N SER E 373 19.79 -13.77 -14.52
CA SER E 373 20.20 -13.72 -13.12
C SER E 373 20.02 -15.08 -12.45
N CYS E 374 18.93 -15.78 -12.75
CA CYS E 374 18.67 -17.06 -12.11
C CYS E 374 19.66 -18.13 -12.60
N LEU E 375 19.88 -18.20 -13.91
CA LEU E 375 20.73 -19.26 -14.46
C LEU E 375 22.20 -19.00 -14.18
N CYS E 376 22.66 -17.76 -14.32
CA CYS E 376 24.07 -17.44 -14.16
C CYS E 376 24.50 -17.36 -12.70
N CYS E 377 23.57 -17.40 -11.76
CA CYS E 377 23.91 -17.35 -10.34
C CYS E 377 23.07 -18.34 -9.54
N CYS F 1 -7.00 -48.01 -24.19
CA CYS F 1 -7.76 -47.16 -25.11
C CYS F 1 -9.22 -47.63 -25.21
N SER F 2 -9.86 -47.33 -26.34
CA SER F 2 -11.27 -47.60 -26.53
C SER F 2 -11.44 -48.81 -27.45
N CYS F 3 -12.30 -49.75 -27.04
CA CYS F 3 -12.59 -50.95 -27.81
C CYS F 3 -14.10 -51.14 -27.90
N SER F 4 -14.52 -52.02 -28.81
CA SER F 4 -15.94 -52.35 -28.92
C SER F 4 -16.35 -53.32 -27.83
N SER F 5 -15.62 -54.42 -27.67
CA SER F 5 -15.83 -55.39 -26.60
C SER F 5 -14.60 -56.30 -26.56
N LEU F 6 -14.72 -57.42 -25.85
CA LEU F 6 -13.58 -58.30 -25.59
C LEU F 6 -13.24 -59.24 -26.74
N MET F 7 -14.14 -59.42 -27.72
CA MET F 7 -13.84 -60.37 -28.79
C MET F 7 -12.80 -59.84 -29.77
N ASP F 8 -12.57 -58.53 -29.82
CA ASP F 8 -11.59 -57.95 -30.72
C ASP F 8 -10.24 -57.95 -30.02
N LYS F 9 -9.44 -58.99 -30.29
CA LYS F 9 -8.13 -59.10 -29.67
C LYS F 9 -7.18 -58.01 -30.15
N GLU F 10 -7.30 -57.63 -31.42
CA GLU F 10 -6.41 -56.63 -31.99
C GLU F 10 -6.57 -55.27 -31.31
N CYS F 11 -7.81 -54.87 -31.05
CA CYS F 11 -8.04 -53.59 -30.39
C CYS F 11 -7.45 -53.57 -28.98
N VAL F 12 -7.61 -54.67 -28.24
CA VAL F 12 -7.09 -54.72 -26.89
C VAL F 12 -5.56 -54.74 -26.91
N TYR F 13 -4.96 -55.43 -27.88
CA TYR F 13 -3.51 -55.42 -27.99
C TYR F 13 -3.00 -54.02 -28.32
N PHE F 14 -3.71 -53.32 -29.19
CA PHE F 14 -3.36 -51.92 -29.48
C PHE F 14 -3.47 -51.07 -28.23
N CYS F 15 -4.54 -51.25 -27.45
CA CYS F 15 -4.68 -50.54 -26.18
C CYS F 15 -3.51 -50.83 -25.26
N HIS F 16 -3.05 -52.09 -25.24
CA HIS F 16 -1.87 -52.45 -24.46
C HIS F 16 -0.65 -51.68 -24.93
N LEU F 17 -0.46 -51.57 -26.25
CA LEU F 17 0.70 -50.88 -26.78
C LEU F 17 0.54 -49.37 -26.81
N ASP F 18 -0.67 -48.87 -27.02
CA ASP F 18 -0.89 -47.44 -27.22
C ASP F 18 -0.66 -46.68 -25.91
N ILE F 19 -0.50 -45.37 -26.04
CA ILE F 19 -0.32 -44.46 -24.92
C ILE F 19 -1.61 -44.38 -24.12
N ILE F 20 -1.51 -43.92 -22.87
CA ILE F 20 -2.69 -43.74 -22.02
C ILE F 20 -3.21 -42.32 -22.29
N TRP F 21 -4.30 -42.24 -23.03
CA TRP F 21 -4.91 -40.96 -23.41
C TRP F 21 -6.33 -41.16 -23.91
#